data_8HLB
#
_entry.id   8HLB
#
_cell.length_a   1.00
_cell.length_b   1.00
_cell.length_c   1.00
_cell.angle_alpha   90.00
_cell.angle_beta   90.00
_cell.angle_gamma   90.00
#
_symmetry.space_group_name_H-M   'P 1'
#
loop_
_entity.id
_entity.type
_entity.pdbx_description
1 polymer 'Tumor necrosis factor receptor superfamily member 1B,Maltose/maltodextrin-binding periplasmic protein'
2 polymer 'TR109 heavy chain'
3 polymer 'TR109 light chain'
4 polymer 'TR92 heavy chain'
5 polymer 'TR92 light chain'
#
loop_
_entity_poly.entity_id
_entity_poly.type
_entity_poly.pdbx_seq_one_letter_code
_entity_poly.pdbx_strand_id
1 'polypeptide(L)'
;LPAQVAFTPYAPEPGSTCRLREYYDQTAQMCCSKCSPGQHAKVFCTKTSDTVCDSCEDSTYTQLWNWVPECLSCGSRCSS
DQVETQACTREQNRICTCRPGWYCALSKQEGCRLCAPLRKCRPGFGVARPGTETSDVVCKPCAPGTFSNTTSSTDICRPH
QICNVVAIPGNASMDAVCKIEEGKLVIWINGDKGYNGLAEVGKKFEKDTGIKVTVEHPDKLEEKFPQVAATGDGPDIIFW
AHDRFGGYAQSGLLAEITPDKAFQDKLYPFTWDAVRYNGKLIAYPIAVEALSLIYNKDLLPNPPKTWEEIPALDKELKAK
GKSALMFNLQEPYFTWPLIAADGGYAFKYENGKYDIKDVGVDNAGAKAGLTFLVDLIKNKHMNADTDYSIAEAAFNKGET
AMTINGPWAWSNIDTSKVNYGVTVLPTFKGQPSKPFVGVLSAGINAASPNKELAKEFLENYLLTDEGLEAVNKDKPLGAV
ALKSYEEELVKDPRIAATMENAQKGEIMPNIPQMSAFWYAVRTAVINAASGRQTVDEALKDAQGHHHHHH
;
A
2 'polypeptide(L)'
;QVQLKESGPGLVAPSQSLSITCTVSGFSLTVYGVNWVRQPPGKGLEWLGMIWGDGSTAYNSALKSRLTITKDNSKTQVFL
KMNSLQTDDTARYYCARDGRRYALDYWGQGTSVTVSSASTKGPSVFPLAPSSKSTSGGTAALGCLVKDYFPEPVTVSWNS
GALTSGVHTFPAVLQSSGLYSLSSVVTVPSSSLGTQTYICNVNHKPSNTKVDKKVEPKSCFNTHTCPPCPAPELLG
;
B
3 'polypeptide(L)'
;DIVLTQSPTSLAVSLGQRATISCRASESVDSYGDSFLHWYQQKPGQPPILLIYRASNLDSGIPARFSGSGSRTDFTLTIN
PVEADDVATYYCQQSNEDPYTFGGGTKLEIKRTVAAPSVFIFPPSDEQLKSGTASVVCLLNNFYPREAKVQWKVDNALQS
GNSQESVTEQDSKDSTYSLSSTLTLSKADYEKHKVYACEVTHQGLSSPVTKSFNRGEC
;
C
4 'polypeptide(L)'
;KVQLQQSGAELVKPGASVKLSCKASGYTFTESIIHWVKQRSGQGLEWIGWFYPGSDNINYNEKFKDKATLTADKSSSTVY
MELTRLTSEDSAVYFCASHEGPYVYFDYWGQGTTLTVSSASTKGPSVFPLAPSSKSTSGGTAALGCLVKDYFPEPVTVSW
NSGALTSGVHTFPAVLQSSGLYSLSSVVTVPSSSLGTQTYICNVNHKPSNTKVDKKVEPKSCDKTHTCPPCPAPELLG
;
D
5 'polypeptide(L)'
;DIVMTQSHKFMSTSVGDRVSITCKASQDVSTAVAWYQQKPGQSPKLLIYWTSTRHTGVPDRFTGSGSGTDYTLTISSVQA
EDLALYYCQHHYSTPYTFGGGTKLEIQRTVAAPSVFIFPPSDEQLKSGTASVVCLLNNFYPREAKVQWKVDNALQSGNSQ
ESVTEQDSKDSTYSLSSTLTLSKADYEKHKVYACEVTHQGLSSPVTKSFNRGEC
;
E
#
# COMPACT_ATOMS: atom_id res chain seq x y z
N THR A 8 31.54 -41.35 16.02
CA THR A 8 32.20 -42.20 15.04
C THR A 8 31.27 -42.54 13.89
N PRO A 9 31.82 -42.70 12.69
CA PRO A 9 30.99 -43.06 11.52
C PRO A 9 30.47 -44.48 11.60
N TYR A 10 29.44 -44.69 12.42
CA TYR A 10 28.82 -46.01 12.54
C TYR A 10 28.25 -46.45 11.20
N ALA A 11 28.72 -47.58 10.71
CA ALA A 11 28.26 -48.09 9.42
C ALA A 11 26.86 -48.68 9.57
N PRO A 12 25.87 -48.21 8.82
CA PRO A 12 24.51 -48.76 8.94
C PRO A 12 24.30 -49.98 8.06
N GLU A 13 23.25 -50.72 8.41
CA GLU A 13 22.85 -51.93 7.70
C GLU A 13 21.37 -51.81 7.40
N PRO A 14 20.95 -52.00 6.14
CA PRO A 14 19.53 -51.89 5.81
C PRO A 14 18.70 -52.89 6.61
N GLY A 15 17.50 -52.45 7.00
CA GLY A 15 16.67 -53.18 7.94
C GLY A 15 16.81 -52.73 9.38
N SER A 16 17.84 -51.94 9.69
CA SER A 16 18.04 -51.40 11.03
C SER A 16 18.36 -49.91 10.93
N THR A 17 17.69 -49.12 11.75
CA THR A 17 17.84 -47.67 11.70
C THR A 17 18.96 -47.20 12.62
N CYS A 18 19.38 -45.95 12.41
CA CYS A 18 20.39 -45.34 13.27
C CYS A 18 19.83 -45.10 14.67
N ARG A 19 20.72 -45.19 15.66
CA ARG A 19 20.34 -44.88 17.02
C ARG A 19 20.06 -43.39 17.16
N LEU A 20 19.38 -43.03 18.25
CA LEU A 20 19.09 -41.63 18.51
C LEU A 20 20.39 -40.87 18.71
N ARG A 21 20.37 -39.58 18.38
CA ARG A 21 21.51 -38.68 18.36
C ARG A 21 22.46 -38.96 17.19
N GLU A 22 22.02 -39.77 16.22
CA GLU A 22 22.80 -40.08 15.04
C GLU A 22 21.94 -39.88 13.81
N TYR A 23 22.44 -39.13 12.84
CA TYR A 23 21.74 -38.91 11.58
C TYR A 23 22.43 -39.67 10.46
N TYR A 24 21.80 -39.70 9.29
CA TYR A 24 22.31 -40.43 8.13
C TYR A 24 22.75 -39.40 7.08
N ASP A 25 24.04 -39.12 7.05
CA ASP A 25 24.61 -38.26 6.01
C ASP A 25 24.41 -38.90 4.65
N GLN A 26 23.95 -38.10 3.68
CA GLN A 26 23.73 -38.58 2.33
C GLN A 26 24.85 -38.20 1.38
N THR A 27 26.02 -37.82 1.90
CA THR A 27 27.22 -37.62 1.10
C THR A 27 28.23 -38.75 1.32
N ALA A 28 28.48 -39.12 2.57
CA ALA A 28 29.29 -40.29 2.88
C ALA A 28 28.47 -41.57 2.96
N GLN A 29 27.14 -41.47 2.85
CA GLN A 29 26.23 -42.62 2.87
C GLN A 29 26.36 -43.45 4.13
N MET A 30 26.89 -42.87 5.20
CA MET A 30 27.09 -43.60 6.45
C MET A 30 26.60 -42.75 7.62
N CYS A 31 26.09 -43.43 8.65
CA CYS A 31 25.53 -42.74 9.80
C CYS A 31 26.61 -41.94 10.52
N CYS A 32 26.22 -40.79 11.05
CA CYS A 32 27.13 -39.91 11.77
C CYS A 32 26.43 -39.33 12.99
N SER A 33 27.23 -38.83 13.93
CA SER A 33 26.73 -38.36 15.20
C SER A 33 26.10 -36.97 15.08
N LYS A 34 25.29 -36.63 16.08
CA LYS A 34 24.65 -35.32 16.20
C LYS A 34 25.15 -34.67 17.48
N CYS A 35 25.64 -33.44 17.38
CA CYS A 35 26.31 -32.82 18.51
C CYS A 35 25.37 -31.86 19.24
N SER A 36 25.88 -31.28 20.32
CA SER A 36 25.06 -30.65 21.35
C SER A 36 24.35 -29.41 20.82
N PRO A 37 23.21 -29.05 21.43
CA PRO A 37 22.57 -27.78 21.10
C PRO A 37 23.47 -26.60 21.41
N GLY A 38 23.33 -25.55 20.61
CA GLY A 38 24.16 -24.37 20.74
C GLY A 38 25.42 -24.37 19.92
N GLN A 39 25.68 -25.43 19.17
CA GLN A 39 26.84 -25.51 18.28
C GLN A 39 26.41 -26.15 16.97
N HIS A 40 26.84 -25.56 15.86
CA HIS A 40 26.41 -25.95 14.53
C HIS A 40 27.58 -26.56 13.76
N ALA A 41 27.28 -27.55 12.92
CA ALA A 41 28.30 -28.26 12.18
C ALA A 41 29.04 -27.35 11.21
N LYS A 42 30.31 -27.05 11.51
CA LYS A 42 31.11 -26.24 10.60
C LYS A 42 31.63 -27.07 9.44
N VAL A 43 32.05 -28.31 9.70
CA VAL A 43 32.49 -29.25 8.68
C VAL A 43 31.63 -30.49 8.80
N PHE A 44 30.91 -30.81 7.73
CA PHE A 44 29.97 -31.92 7.76
C PHE A 44 30.69 -33.26 7.83
N CYS A 45 29.93 -34.29 8.19
CA CYS A 45 30.49 -35.63 8.32
C CYS A 45 31.01 -36.13 6.98
N THR A 46 32.08 -36.93 7.05
CA THR A 46 32.72 -37.47 5.85
C THR A 46 32.86 -38.98 6.08
N LYS A 47 33.47 -39.70 5.12
CA LYS A 47 33.66 -41.14 5.28
C LYS A 47 34.44 -41.47 6.54
N THR A 48 35.50 -40.72 6.82
CA THR A 48 36.35 -40.95 7.98
C THR A 48 36.08 -39.99 9.12
N SER A 49 36.11 -38.68 8.87
CA SER A 49 35.89 -37.71 9.92
C SER A 49 34.44 -37.72 10.38
N ASP A 50 34.24 -37.45 11.66
CA ASP A 50 32.91 -37.35 12.24
C ASP A 50 32.47 -35.89 12.17
N THR A 51 31.34 -35.56 12.81
CA THR A 51 30.84 -34.19 12.79
C THR A 51 31.78 -33.25 13.53
N VAL A 52 32.16 -32.17 12.86
CA VAL A 52 33.02 -31.15 13.46
C VAL A 52 32.22 -29.86 13.60
N CYS A 53 31.63 -29.65 14.76
CA CYS A 53 30.71 -28.53 14.97
C CYS A 53 31.28 -27.53 15.96
N ASP A 54 31.01 -26.25 15.68
CA ASP A 54 31.53 -25.13 16.43
C ASP A 54 30.37 -24.32 16.99
N SER A 55 30.60 -23.71 18.16
CA SER A 55 29.55 -22.93 18.80
C SER A 55 29.16 -21.73 17.94
N CYS A 56 27.86 -21.43 17.93
CA CYS A 56 27.35 -20.31 17.14
C CYS A 56 27.72 -18.98 17.80
N GLU A 57 27.57 -17.91 17.04
CA GLU A 57 27.98 -16.57 17.49
C GLU A 57 26.90 -15.95 18.37
N ASP A 58 27.04 -14.66 18.65
CA ASP A 58 26.16 -13.98 19.59
C ASP A 58 24.75 -13.86 19.05
N SER A 59 23.78 -13.92 19.97
CA SER A 59 22.35 -13.78 19.68
C SER A 59 21.84 -14.88 18.76
N THR A 60 22.65 -15.92 18.56
CA THR A 60 22.29 -17.06 17.72
C THR A 60 22.21 -18.31 18.60
N TYR A 61 21.13 -19.08 18.44
CA TYR A 61 20.85 -20.20 19.33
C TYR A 61 20.45 -21.41 18.51
N THR A 62 20.37 -22.55 19.20
CA THR A 62 19.84 -23.79 18.62
C THR A 62 19.35 -24.65 19.77
N GLN A 63 18.04 -24.80 19.89
CA GLN A 63 17.45 -25.50 21.02
C GLN A 63 17.32 -27.01 20.80
N LEU A 64 17.68 -27.51 19.64
CA LEU A 64 17.59 -28.94 19.34
C LEU A 64 18.89 -29.44 18.75
N TRP A 65 19.16 -30.73 18.97
CA TRP A 65 20.35 -31.37 18.41
C TRP A 65 20.30 -31.24 16.89
N ASN A 66 21.23 -30.50 16.32
CA ASN A 66 21.14 -30.06 14.94
C ASN A 66 22.32 -30.56 14.12
N TRP A 67 22.21 -30.36 12.80
CA TRP A 67 23.36 -30.43 11.92
C TRP A 67 23.33 -29.30 10.90
N VAL A 68 22.50 -28.29 11.14
CA VAL A 68 22.35 -27.17 10.19
C VAL A 68 23.59 -26.30 10.24
N PRO A 69 24.01 -25.70 9.12
CA PRO A 69 25.22 -24.89 9.10
C PRO A 69 25.04 -23.46 9.60
N GLU A 70 23.89 -23.12 10.18
CA GLU A 70 23.66 -21.76 10.65
C GLU A 70 22.58 -21.77 11.72
N CYS A 71 22.78 -20.96 12.75
CA CYS A 71 21.84 -20.87 13.85
C CYS A 71 20.73 -19.87 13.52
N LEU A 72 19.82 -19.67 14.47
CA LEU A 72 18.74 -18.71 14.34
C LEU A 72 19.19 -17.35 14.87
N SER A 73 18.25 -16.43 15.02
CA SER A 73 18.54 -15.11 15.55
C SER A 73 17.42 -14.67 16.48
N CYS A 74 17.79 -14.12 17.64
CA CYS A 74 16.82 -13.65 18.61
C CYS A 74 16.32 -12.26 18.21
N GLY A 75 15.51 -11.65 19.06
CA GLY A 75 15.04 -10.31 18.80
C GLY A 75 16.13 -9.27 18.99
N SER A 76 15.97 -8.15 18.30
CA SER A 76 16.98 -7.10 18.33
C SER A 76 17.08 -6.47 19.72
N ARG A 77 15.95 -6.07 20.29
CA ARG A 77 15.93 -5.39 21.57
C ARG A 77 14.50 -5.38 22.09
N CYS A 78 14.36 -5.15 23.40
CA CYS A 78 13.06 -4.95 24.03
C CYS A 78 12.66 -3.48 24.11
N SER A 79 13.32 -2.61 23.35
CA SER A 79 13.02 -1.18 23.31
C SER A 79 13.07 -0.57 24.71
N SER A 80 12.06 0.22 25.06
CA SER A 80 12.02 0.94 26.32
C SER A 80 10.95 0.34 27.23
N ASP A 81 11.18 0.42 28.54
CA ASP A 81 10.20 -0.09 29.54
C ASP A 81 9.82 -1.56 29.27
N GLN A 82 10.77 -2.38 28.82
CA GLN A 82 10.50 -3.85 28.67
C GLN A 82 11.73 -4.63 29.16
N VAL A 83 11.63 -5.29 30.31
CA VAL A 83 12.73 -6.06 30.85
C VAL A 83 12.74 -7.45 30.22
N GLU A 84 13.94 -7.94 29.89
CA GLU A 84 14.06 -9.28 29.34
C GLU A 84 13.79 -10.32 30.41
N THR A 85 12.81 -11.18 30.16
CA THR A 85 12.51 -12.26 31.09
C THR A 85 13.34 -13.51 30.84
N GLN A 86 14.08 -13.56 29.73
CA GLN A 86 14.93 -14.70 29.42
C GLN A 86 15.97 -14.25 28.41
N ALA A 87 17.23 -14.19 28.84
CA ALA A 87 18.30 -13.75 27.96
C ALA A 87 18.51 -14.75 26.83
N CYS A 88 19.00 -14.24 25.69
CA CYS A 88 19.20 -15.07 24.50
C CYS A 88 20.58 -15.73 24.59
N THR A 89 20.64 -16.86 25.27
CA THR A 89 21.86 -17.66 25.32
C THR A 89 21.83 -18.67 24.17
N ARG A 90 22.74 -19.64 24.21
CA ARG A 90 22.91 -20.51 23.04
C ARG A 90 21.78 -21.51 22.87
N GLU A 91 20.92 -21.71 23.87
CA GLU A 91 19.86 -22.71 23.75
C GLU A 91 18.47 -22.11 23.97
N GLN A 92 18.32 -20.80 23.77
CA GLN A 92 17.04 -20.16 24.11
C GLN A 92 16.93 -18.84 23.37
N ASN A 93 15.80 -18.17 23.55
CA ASN A 93 15.42 -16.98 22.80
C ASN A 93 15.52 -15.74 23.67
N ARG A 94 15.09 -14.62 23.12
CA ARG A 94 15.02 -13.33 23.82
C ARG A 94 13.54 -12.97 23.96
N ILE A 95 12.94 -13.39 25.07
CA ILE A 95 11.51 -13.20 25.30
C ILE A 95 11.33 -11.85 25.99
N CYS A 96 10.95 -10.84 25.20
CA CYS A 96 10.55 -9.56 25.77
C CYS A 96 9.21 -9.73 26.49
N THR A 97 8.96 -8.86 27.46
CA THR A 97 7.72 -8.93 28.23
C THR A 97 7.30 -7.53 28.66
N CYS A 98 6.35 -7.47 29.58
CA CYS A 98 5.74 -6.21 29.98
C CYS A 98 6.71 -5.37 30.80
N ARG A 99 6.24 -4.18 31.18
CA ARG A 99 7.04 -3.28 31.99
C ARG A 99 7.12 -3.75 33.43
N PRO A 100 8.24 -3.54 34.10
CA PRO A 100 8.31 -3.81 35.54
C PRO A 100 7.28 -2.99 36.30
N GLY A 101 6.68 -3.61 37.30
CA GLY A 101 5.64 -2.95 38.08
C GLY A 101 4.27 -2.95 37.45
N TRP A 102 4.10 -3.59 36.29
CA TRP A 102 2.82 -3.68 35.62
C TRP A 102 2.49 -5.15 35.38
N TYR A 103 1.44 -5.44 34.61
CA TYR A 103 1.24 -6.81 34.14
C TYR A 103 0.77 -6.77 32.70
N CYS A 104 0.57 -7.94 32.13
CA CYS A 104 0.02 -8.10 30.79
C CYS A 104 -1.31 -8.81 30.85
N ALA A 105 -2.31 -8.28 30.14
CA ALA A 105 -3.60 -8.92 30.02
C ALA A 105 -3.84 -9.55 28.65
N LEU A 106 -3.10 -9.14 27.63
CA LEU A 106 -3.22 -9.71 26.30
C LEU A 106 -2.22 -10.85 26.14
N SER A 107 -2.02 -11.32 24.92
CA SER A 107 -1.06 -12.39 24.67
C SER A 107 -0.59 -12.31 23.23
N LYS A 108 0.56 -12.94 22.98
CA LYS A 108 1.14 -13.02 21.65
C LYS A 108 2.02 -14.29 21.62
N GLN A 109 2.83 -14.43 20.58
CA GLN A 109 3.71 -15.59 20.49
C GLN A 109 4.78 -15.55 21.58
N GLU A 110 5.48 -14.43 21.74
CA GLU A 110 6.48 -14.29 22.79
C GLU A 110 6.18 -13.15 23.74
N GLY A 111 5.96 -11.94 23.24
CA GLY A 111 5.66 -10.80 24.07
C GLY A 111 4.37 -10.13 23.64
N CYS A 112 3.45 -9.92 24.59
CA CYS A 112 2.08 -9.57 24.25
C CYS A 112 1.99 -8.17 23.65
N ARG A 113 0.76 -7.77 23.32
CA ARG A 113 0.49 -6.55 22.58
C ARG A 113 -0.19 -5.47 23.42
N LEU A 114 -0.46 -5.73 24.71
CA LEU A 114 -1.18 -4.75 25.52
C LEU A 114 -0.86 -5.00 26.99
N CYS A 115 -0.17 -4.05 27.62
CA CYS A 115 0.10 -4.11 29.04
C CYS A 115 -1.03 -3.43 29.82
N ALA A 116 -0.86 -3.38 31.15
CA ALA A 116 -1.84 -2.75 32.03
C ALA A 116 -1.16 -2.47 33.37
N PRO A 117 -1.60 -1.45 34.08
CA PRO A 117 -1.02 -1.16 35.39
C PRO A 117 -1.31 -2.26 36.39
N LEU A 118 -0.45 -2.37 37.40
CA LEU A 118 -0.53 -3.45 38.39
C LEU A 118 -1.76 -3.35 39.27
N ARG A 119 -2.62 -2.37 39.01
CA ARG A 119 -3.86 -2.17 39.76
C ARG A 119 -3.59 -1.97 41.25
N GLN B 1 28.08 -13.33 3.85
CA GLN B 1 27.05 -14.35 4.01
C GLN B 1 26.98 -15.25 2.78
N VAL B 2 25.98 -16.13 2.76
CA VAL B 2 25.82 -17.07 1.65
C VAL B 2 25.19 -16.34 0.47
N GLN B 3 25.80 -16.46 -0.70
CA GLN B 3 25.32 -15.77 -1.89
C GLN B 3 25.76 -16.57 -3.12
N LEU B 4 24.80 -16.84 -4.01
CA LEU B 4 25.06 -17.59 -5.22
C LEU B 4 24.57 -16.78 -6.41
N LYS B 5 25.51 -16.38 -7.27
CA LYS B 5 25.18 -15.59 -8.45
C LYS B 5 25.24 -16.47 -9.69
N GLU B 6 24.15 -16.46 -10.45
CA GLU B 6 23.97 -17.28 -11.64
C GLU B 6 24.04 -16.41 -12.89
N SER B 7 24.93 -16.78 -13.83
CA SER B 7 25.14 -16.02 -15.04
C SER B 7 25.19 -16.95 -16.24
N GLY B 8 24.47 -16.58 -17.31
CA GLY B 8 24.46 -17.36 -18.52
C GLY B 8 24.03 -16.55 -19.72
N PRO B 9 24.34 -17.03 -20.93
CA PRO B 9 23.93 -16.29 -22.14
C PRO B 9 22.42 -16.24 -22.26
N GLY B 10 21.92 -15.06 -22.63
CA GLY B 10 20.48 -14.89 -22.73
C GLY B 10 19.86 -15.71 -23.85
N LEU B 11 20.48 -15.70 -25.02
CA LEU B 11 19.95 -16.37 -26.20
C LEU B 11 21.04 -17.17 -26.89
N VAL B 12 20.75 -18.42 -27.21
CA VAL B 12 21.67 -19.31 -27.90
C VAL B 12 20.94 -20.00 -29.05
N ALA B 13 21.61 -20.13 -30.18
CA ALA B 13 21.02 -20.77 -31.34
C ALA B 13 20.83 -22.28 -31.08
N PRO B 14 19.91 -22.92 -31.78
CA PRO B 14 19.74 -24.37 -31.63
C PRO B 14 21.01 -25.12 -31.98
N SER B 15 21.24 -26.21 -31.24
CA SER B 15 22.41 -27.06 -31.42
C SER B 15 23.73 -26.32 -31.19
N GLN B 16 23.73 -25.29 -30.35
CA GLN B 16 24.91 -24.53 -30.03
C GLN B 16 25.34 -24.82 -28.59
N SER B 17 26.59 -24.50 -28.28
CA SER B 17 27.12 -24.74 -26.94
C SER B 17 26.49 -23.78 -25.93
N LEU B 18 26.28 -24.28 -24.72
CA LEU B 18 25.70 -23.52 -23.63
C LEU B 18 26.61 -23.63 -22.42
N SER B 19 26.81 -22.51 -21.72
CA SER B 19 27.69 -22.47 -20.55
C SER B 19 27.11 -21.53 -19.51
N ILE B 20 26.81 -22.06 -18.33
CA ILE B 20 26.36 -21.27 -17.18
C ILE B 20 27.46 -21.28 -16.14
N THR B 21 27.54 -20.19 -15.37
CA THR B 21 28.50 -20.08 -14.28
C THR B 21 27.79 -19.62 -13.03
N CYS B 22 27.99 -20.34 -11.93
CA CYS B 22 27.43 -20.02 -10.63
C CYS B 22 28.60 -19.73 -9.68
N THR B 23 28.70 -18.48 -9.25
CA THR B 23 29.72 -18.06 -8.30
C THR B 23 29.15 -18.11 -6.90
N VAL B 24 29.85 -18.81 -6.01
CA VAL B 24 29.38 -19.05 -4.66
C VAL B 24 30.21 -18.25 -3.68
N SER B 25 29.59 -17.86 -2.56
CA SER B 25 30.29 -17.17 -1.50
C SER B 25 29.60 -17.48 -0.18
N GLY B 26 30.39 -17.55 0.89
CA GLY B 26 29.86 -17.82 2.22
C GLY B 26 30.04 -19.25 2.69
N PHE B 27 30.42 -20.17 1.80
CA PHE B 27 30.64 -21.55 2.20
C PHE B 27 31.74 -22.14 1.35
N SER B 28 32.32 -23.23 1.85
CA SER B 28 33.43 -23.89 1.18
C SER B 28 32.90 -25.02 0.30
N LEU B 29 33.31 -25.01 -0.98
CA LEU B 29 32.89 -26.05 -1.90
C LEU B 29 33.55 -27.40 -1.62
N THR B 30 34.58 -27.44 -0.78
CA THR B 30 35.25 -28.71 -0.50
C THR B 30 34.33 -29.70 0.18
N VAL B 31 33.33 -29.22 0.90
CA VAL B 31 32.39 -30.10 1.60
C VAL B 31 30.96 -29.93 1.11
N TYR B 32 30.62 -28.84 0.42
CA TYR B 32 29.26 -28.56 0.00
C TYR B 32 29.10 -28.83 -1.50
N GLY B 33 27.97 -29.44 -1.86
CA GLY B 33 27.67 -29.76 -3.23
C GLY B 33 26.71 -28.78 -3.85
N VAL B 34 26.98 -28.39 -5.08
CA VAL B 34 26.12 -27.48 -5.82
C VAL B 34 25.44 -28.26 -6.94
N ASN B 35 24.12 -28.17 -7.02
CA ASN B 35 23.37 -28.81 -8.09
C ASN B 35 22.48 -27.78 -8.78
N TRP B 36 22.18 -28.05 -10.04
CA TRP B 36 21.37 -27.16 -10.86
C TRP B 36 19.92 -27.64 -10.90
N VAL B 37 19.02 -26.70 -11.13
CA VAL B 37 17.60 -26.99 -11.31
C VAL B 37 17.12 -26.18 -12.51
N ARG B 38 16.20 -26.75 -13.28
CA ARG B 38 15.69 -26.08 -14.46
C ARG B 38 14.18 -26.00 -14.41
N GLN B 39 13.64 -24.95 -15.01
CA GLN B 39 12.20 -24.72 -14.98
C GLN B 39 11.72 -24.09 -16.28
N PRO B 40 10.98 -24.83 -17.11
CA PRO B 40 10.38 -24.22 -18.29
C PRO B 40 9.32 -23.20 -17.88
N PRO B 41 9.06 -22.19 -18.71
CA PRO B 41 8.12 -21.12 -18.32
C PRO B 41 6.75 -21.68 -17.99
N GLY B 42 6.30 -21.41 -16.76
CA GLY B 42 5.01 -21.86 -16.32
C GLY B 42 4.90 -23.36 -16.07
N LYS B 43 6.01 -24.02 -15.82
CA LYS B 43 6.04 -25.46 -15.57
C LYS B 43 6.77 -25.76 -14.26
N GLY B 44 6.59 -26.98 -13.77
CA GLY B 44 7.27 -27.40 -12.56
C GLY B 44 8.74 -27.65 -12.81
N LEU B 45 9.53 -27.55 -11.73
CA LEU B 45 10.97 -27.72 -11.85
C LEU B 45 11.31 -29.13 -12.29
N GLU B 46 12.39 -29.24 -13.06
CA GLU B 46 12.98 -30.53 -13.43
C GLU B 46 14.43 -30.52 -13.00
N TRP B 47 14.85 -31.57 -12.29
CA TRP B 47 16.17 -31.59 -11.68
C TRP B 47 17.26 -31.72 -12.75
N LEU B 48 18.49 -31.45 -12.33
CA LEU B 48 19.66 -31.58 -13.19
C LEU B 48 20.79 -32.21 -12.37
N GLY B 49 22.01 -32.16 -12.91
CA GLY B 49 23.11 -32.84 -12.27
C GLY B 49 23.56 -32.17 -11.00
N MET B 50 24.28 -32.93 -10.17
CA MET B 50 24.90 -32.44 -8.96
C MET B 50 26.38 -32.82 -8.95
N ILE B 51 27.18 -32.05 -8.24
CA ILE B 51 28.59 -32.35 -8.04
C ILE B 51 28.90 -32.21 -6.55
N TRP B 52 29.41 -33.29 -5.95
CA TRP B 52 29.76 -33.26 -4.54
C TRP B 52 31.07 -32.52 -4.33
N GLY B 53 31.53 -32.51 -3.08
CA GLY B 53 32.82 -31.88 -2.78
C GLY B 53 33.98 -32.63 -3.39
N ASP B 54 33.95 -33.97 -3.35
CA ASP B 54 35.07 -34.75 -3.85
C ASP B 54 35.26 -34.58 -5.35
N GLY B 55 34.16 -34.55 -6.09
CA GLY B 55 34.23 -34.41 -7.54
C GLY B 55 33.30 -35.34 -8.27
N SER B 56 32.87 -36.40 -7.60
CA SER B 56 31.94 -37.35 -8.20
C SER B 56 30.59 -36.67 -8.44
N THR B 57 30.02 -36.93 -9.62
CA THR B 57 28.81 -36.26 -10.07
C THR B 57 27.74 -37.27 -10.45
N ALA B 58 26.50 -37.00 -10.02
CA ALA B 58 25.34 -37.69 -10.54
C ALA B 58 24.58 -36.76 -11.48
N TYR B 59 23.83 -37.36 -12.41
CA TYR B 59 23.16 -36.63 -13.49
C TYR B 59 21.70 -37.05 -13.53
N ASN B 60 21.00 -36.59 -14.56
CA ASN B 60 19.60 -36.91 -14.77
C ASN B 60 19.48 -38.25 -15.51
N SER B 61 18.23 -38.69 -15.68
CA SER B 61 17.97 -39.96 -16.35
C SER B 61 17.83 -39.80 -17.86
N ALA B 62 17.31 -38.68 -18.33
CA ALA B 62 17.09 -38.46 -19.76
C ALA B 62 18.14 -37.56 -20.39
N LEU B 63 18.99 -36.91 -19.59
CA LEU B 63 20.03 -36.02 -20.10
C LEU B 63 21.42 -36.48 -19.66
N LYS B 64 21.57 -37.78 -19.40
CA LYS B 64 22.82 -38.29 -18.85
C LYS B 64 24.01 -38.07 -19.78
N SER B 65 23.77 -37.91 -21.09
CA SER B 65 24.84 -37.74 -22.06
C SER B 65 24.81 -36.34 -22.68
N ARG B 66 24.37 -35.35 -21.93
CA ARG B 66 24.27 -33.99 -22.46
C ARG B 66 24.95 -32.97 -21.55
N LEU B 67 25.02 -33.28 -20.26
CA LEU B 67 25.56 -32.35 -19.26
C LEU B 67 26.99 -32.75 -18.89
N THR B 68 27.82 -31.74 -18.61
CA THR B 68 29.23 -31.91 -18.30
C THR B 68 29.61 -31.08 -17.08
N ILE B 69 28.83 -31.24 -16.00
CA ILE B 69 29.02 -30.44 -14.79
C ILE B 69 30.43 -30.64 -14.26
N THR B 70 31.16 -29.53 -14.10
CA THR B 70 32.52 -29.54 -13.57
C THR B 70 32.66 -28.40 -12.57
N LYS B 71 33.77 -28.39 -11.83
CA LYS B 71 33.98 -27.43 -10.76
C LYS B 71 35.37 -26.83 -10.88
N ASP B 72 35.50 -25.59 -10.40
CA ASP B 72 36.78 -24.92 -10.22
C ASP B 72 36.82 -24.53 -8.73
N ASN B 73 37.30 -25.46 -7.90
CA ASN B 73 37.21 -25.29 -6.46
C ASN B 73 38.03 -24.09 -5.99
N SER B 74 39.24 -23.93 -6.54
CA SER B 74 40.09 -22.81 -6.13
C SER B 74 39.44 -21.47 -6.47
N LYS B 75 38.80 -21.38 -7.64
CA LYS B 75 38.13 -20.14 -8.05
C LYS B 75 36.75 -19.99 -7.43
N THR B 76 36.27 -21.00 -6.70
CA THR B 76 34.95 -20.97 -6.06
C THR B 76 33.85 -20.73 -7.09
N GLN B 77 33.76 -21.66 -8.04
CA GLN B 77 32.78 -21.56 -9.10
C GLN B 77 32.22 -22.95 -9.41
N VAL B 78 31.01 -22.97 -9.97
CA VAL B 78 30.41 -24.18 -10.51
C VAL B 78 29.88 -23.82 -11.89
N PHE B 79 30.54 -24.31 -12.94
CA PHE B 79 30.16 -23.96 -14.30
C PHE B 79 29.70 -25.21 -15.04
N LEU B 80 28.54 -25.11 -15.69
CA LEU B 80 27.91 -26.18 -16.43
C LEU B 80 28.03 -25.91 -17.92
N LYS B 81 28.41 -26.94 -18.67
CA LYS B 81 28.47 -26.87 -20.13
C LYS B 81 27.56 -27.94 -20.71
N MET B 82 26.69 -27.52 -21.63
CA MET B 82 25.69 -28.39 -22.22
C MET B 82 25.71 -28.23 -23.73
N ASN B 83 25.46 -29.33 -24.44
CA ASN B 83 25.49 -29.37 -25.89
C ASN B 83 24.19 -29.92 -26.45
N SER B 84 24.01 -29.77 -27.76
CA SER B 84 22.85 -30.27 -28.49
C SER B 84 21.55 -29.69 -27.92
N LEU B 85 21.42 -28.38 -28.06
CA LEU B 85 20.27 -27.65 -27.53
C LEU B 85 19.12 -27.71 -28.52
N GLN B 86 18.14 -28.56 -28.24
CA GLN B 86 16.91 -28.55 -29.00
C GLN B 86 16.03 -27.37 -28.57
N THR B 87 15.04 -27.05 -29.41
CA THR B 87 14.24 -25.86 -29.18
C THR B 87 13.38 -25.95 -27.92
N ASP B 88 13.17 -27.15 -27.37
CA ASP B 88 12.34 -27.30 -26.19
C ASP B 88 13.09 -27.03 -24.88
N ASP B 89 14.40 -26.84 -24.93
CA ASP B 89 15.17 -26.57 -23.72
C ASP B 89 15.29 -25.07 -23.46
N THR B 90 14.16 -24.38 -23.44
CA THR B 90 14.10 -22.97 -23.06
C THR B 90 13.47 -22.89 -21.68
N ALA B 91 14.20 -22.33 -20.73
CA ALA B 91 13.81 -22.42 -19.32
C ALA B 91 14.70 -21.49 -18.51
N ARG B 92 14.44 -21.46 -17.20
CA ARG B 92 15.31 -20.81 -16.25
C ARG B 92 16.21 -21.85 -15.59
N TYR B 93 17.46 -21.47 -15.32
CA TYR B 93 18.45 -22.38 -14.75
C TYR B 93 18.90 -21.80 -13.40
N TYR B 94 18.42 -22.39 -12.31
CA TYR B 94 18.78 -21.97 -10.97
C TYR B 94 20.00 -22.76 -10.50
N CYS B 95 21.01 -22.04 -10.02
CA CYS B 95 22.04 -22.65 -9.19
C CYS B 95 21.48 -22.86 -7.79
N ALA B 96 22.16 -23.68 -7.01
CA ALA B 96 21.64 -24.05 -5.69
C ALA B 96 22.77 -24.61 -4.85
N ARG B 97 22.42 -25.09 -3.65
CA ARG B 97 23.39 -25.62 -2.71
C ARG B 97 22.70 -26.62 -1.80
N ASP B 98 23.39 -27.73 -1.51
CA ASP B 98 22.79 -28.80 -0.72
C ASP B 98 23.28 -28.74 0.73
N GLY B 99 23.39 -27.54 1.27
CA GLY B 99 23.95 -27.33 2.60
C GLY B 99 23.28 -28.11 3.71
N ARG B 100 22.13 -28.72 3.45
CA ARG B 100 21.43 -29.53 4.44
C ARG B 100 21.09 -30.89 3.81
N ARG B 101 22.07 -31.80 3.82
CA ARG B 101 21.90 -33.19 3.37
C ARG B 101 20.98 -33.30 2.16
N TYR B 102 21.29 -32.48 1.15
CA TYR B 102 20.57 -32.40 -0.13
C TYR B 102 19.20 -31.74 0.00
N ALA B 103 18.79 -31.38 1.21
CA ALA B 103 17.60 -30.54 1.31
C ALA B 103 17.97 -29.13 0.87
N LEU B 104 17.73 -28.81 -0.40
CA LEU B 104 18.20 -27.56 -0.99
C LEU B 104 17.72 -26.36 -0.20
N ASP B 105 18.64 -25.47 0.16
CA ASP B 105 18.27 -24.31 0.97
C ASP B 105 18.46 -23.00 0.23
N TYR B 106 19.67 -22.74 -0.28
CA TYR B 106 19.96 -21.46 -0.89
C TYR B 106 20.04 -21.60 -2.41
N TRP B 107 19.38 -20.67 -3.10
CA TRP B 107 19.28 -20.68 -4.56
C TRP B 107 19.72 -19.32 -5.10
N GLY B 108 20.10 -19.33 -6.38
CA GLY B 108 20.47 -18.13 -7.09
C GLY B 108 19.46 -17.82 -8.18
N GLN B 109 19.34 -16.54 -8.52
CA GLN B 109 18.37 -16.11 -9.52
C GLN B 109 18.77 -16.63 -10.89
N GLY B 110 17.81 -17.20 -11.61
CA GLY B 110 18.10 -17.78 -12.90
C GLY B 110 18.31 -16.73 -13.98
N THR B 111 18.90 -17.18 -15.08
CA THR B 111 19.20 -16.30 -16.22
C THR B 111 18.17 -16.41 -17.34
N SER B 112 17.25 -17.38 -17.27
CA SER B 112 16.18 -17.53 -18.25
C SER B 112 16.72 -17.71 -19.67
N VAL B 113 17.42 -18.84 -19.86
CA VAL B 113 17.97 -19.16 -21.16
C VAL B 113 16.84 -19.33 -22.18
N THR B 114 17.03 -18.74 -23.35
CA THR B 114 16.08 -18.85 -24.44
C THR B 114 16.81 -19.35 -25.69
N VAL B 115 16.17 -20.26 -26.42
CA VAL B 115 16.74 -20.86 -27.62
C VAL B 115 15.89 -20.43 -28.81
N SER B 116 16.49 -19.68 -29.73
CA SER B 116 15.81 -19.20 -30.92
C SER B 116 16.87 -18.76 -31.93
N SER B 117 16.42 -18.38 -33.12
CA SER B 117 17.30 -17.92 -34.18
C SER B 117 17.14 -16.45 -34.53
N ALA B 118 16.09 -15.79 -34.01
CA ALA B 118 15.89 -14.38 -34.30
C ALA B 118 16.98 -13.52 -33.69
N SER B 119 17.33 -12.46 -34.39
CA SER B 119 18.38 -11.56 -33.92
C SER B 119 17.89 -10.75 -32.72
N THR B 120 18.85 -10.29 -31.91
CA THR B 120 18.52 -9.50 -30.74
C THR B 120 18.08 -8.10 -31.16
N LYS B 121 16.97 -7.63 -30.59
CA LYS B 121 16.44 -6.32 -30.89
C LYS B 121 16.17 -5.56 -29.59
N GLY B 122 16.54 -4.29 -29.56
CA GLY B 122 16.34 -3.46 -28.40
C GLY B 122 14.89 -3.05 -28.23
N PRO B 123 14.52 -2.67 -27.01
CA PRO B 123 13.13 -2.27 -26.74
C PRO B 123 12.87 -0.81 -27.01
N SER B 124 11.63 -0.53 -27.44
CA SER B 124 11.16 0.84 -27.62
C SER B 124 10.23 1.20 -26.46
N VAL B 125 10.53 2.32 -25.80
CA VAL B 125 9.80 2.74 -24.61
C VAL B 125 8.94 3.95 -24.96
N PHE B 126 7.68 3.92 -24.54
CA PHE B 126 6.74 5.01 -24.73
C PHE B 126 6.22 5.46 -23.38
N PRO B 127 6.37 6.73 -23.01
CA PRO B 127 5.78 7.19 -21.75
C PRO B 127 4.27 7.29 -21.86
N LEU B 128 3.56 6.31 -21.28
CA LEU B 128 2.11 6.25 -21.36
C LEU B 128 1.56 7.18 -20.27
N ALA B 129 1.52 8.46 -20.61
CA ALA B 129 1.20 9.51 -19.65
C ALA B 129 -0.27 9.46 -19.26
N PRO B 130 -0.59 9.95 -18.06
CA PRO B 130 -2.00 10.00 -17.63
C PRO B 130 -2.71 11.21 -18.23
N SER B 131 -3.96 11.37 -17.81
CA SER B 131 -4.81 12.47 -18.28
C SER B 131 -5.94 12.64 -17.28
N SER B 132 -6.94 13.46 -17.64
CA SER B 132 -8.10 13.64 -16.77
C SER B 132 -8.93 12.36 -16.68
N LYS B 133 -8.91 11.53 -17.73
CA LYS B 133 -9.62 10.27 -17.69
C LYS B 133 -9.00 9.31 -16.68
N SER B 134 -7.67 9.26 -16.62
CA SER B 134 -7.01 8.35 -15.69
C SER B 134 -7.28 8.73 -14.24
N THR B 135 -7.27 10.02 -13.92
CA THR B 135 -7.49 10.49 -12.57
C THR B 135 -8.89 10.13 -12.09
N SER B 136 -8.99 9.20 -11.15
CA SER B 136 -10.26 8.76 -10.60
C SER B 136 -10.15 8.70 -9.09
N GLY B 137 -11.05 9.38 -8.40
CA GLY B 137 -10.97 9.43 -6.95
C GLY B 137 -9.69 10.12 -6.50
N GLY B 138 -9.03 9.52 -5.52
CA GLY B 138 -7.79 10.08 -4.99
C GLY B 138 -6.55 9.38 -5.48
N THR B 139 -6.66 8.61 -6.56
CA THR B 139 -5.52 7.85 -7.07
C THR B 139 -5.47 7.96 -8.59
N ALA B 140 -4.30 8.30 -9.12
CA ALA B 140 -4.06 8.37 -10.54
C ALA B 140 -3.30 7.13 -11.00
N ALA B 141 -2.87 7.12 -12.25
CA ALA B 141 -2.12 5.99 -12.80
C ALA B 141 -1.17 6.49 -13.88
N LEU B 142 0.02 5.90 -13.93
CA LEU B 142 1.03 6.26 -14.90
C LEU B 142 1.53 5.00 -15.59
N GLY B 143 1.95 5.15 -16.85
CA GLY B 143 2.38 4.02 -17.64
C GLY B 143 3.73 4.23 -18.28
N CYS B 144 4.45 3.14 -18.46
CA CYS B 144 5.73 3.13 -19.16
C CYS B 144 5.74 1.90 -20.07
N LEU B 145 5.24 2.06 -21.29
CA LEU B 145 5.04 0.93 -22.19
C LEU B 145 6.37 0.54 -22.85
N VAL B 146 6.58 -0.76 -22.99
CA VAL B 146 7.75 -1.30 -23.66
C VAL B 146 7.25 -2.19 -24.79
N LYS B 147 7.83 -2.04 -25.98
CA LYS B 147 7.36 -2.77 -27.14
C LYS B 147 8.54 -3.17 -28.01
N ASP B 148 8.36 -4.27 -28.76
CA ASP B 148 9.23 -4.65 -29.87
C ASP B 148 10.64 -4.96 -29.38
N TYR B 149 10.74 -5.96 -28.51
CA TYR B 149 12.02 -6.38 -27.95
C TYR B 149 12.12 -7.90 -27.95
N PHE B 150 13.36 -8.38 -27.96
CA PHE B 150 13.67 -9.80 -27.97
C PHE B 150 15.09 -9.97 -27.49
N PRO B 151 15.40 -10.98 -26.66
CA PRO B 151 14.53 -12.02 -26.09
C PRO B 151 13.63 -11.53 -24.96
N GLU B 152 13.15 -12.49 -24.15
CA GLU B 152 12.15 -12.18 -23.14
C GLU B 152 12.68 -11.36 -21.97
N PRO B 153 13.77 -11.73 -21.30
CA PRO B 153 14.09 -11.08 -20.01
C PRO B 153 14.41 -9.60 -20.17
N VAL B 154 13.58 -8.77 -19.54
CA VAL B 154 13.77 -7.32 -19.53
C VAL B 154 13.51 -6.82 -18.12
N THR B 155 14.31 -5.85 -17.67
CA THR B 155 14.22 -5.32 -16.33
C THR B 155 13.60 -3.93 -16.37
N VAL B 156 12.60 -3.70 -15.53
CA VAL B 156 11.92 -2.41 -15.43
C VAL B 156 11.97 -1.93 -13.99
N SER B 157 12.28 -0.65 -13.80
CA SER B 157 12.31 -0.05 -12.48
C SER B 157 11.71 1.34 -12.55
N TRP B 158 11.27 1.83 -11.39
CA TRP B 158 10.61 3.12 -11.29
C TRP B 158 11.31 3.97 -10.24
N ASN B 159 11.62 5.22 -10.59
CA ASN B 159 12.31 6.15 -9.71
C ASN B 159 13.64 5.57 -9.21
N SER B 160 14.33 4.84 -10.09
CA SER B 160 15.59 4.19 -9.77
C SER B 160 15.46 3.28 -8.54
N GLY B 161 14.31 2.61 -8.45
CA GLY B 161 14.04 1.71 -7.35
C GLY B 161 13.41 2.34 -6.13
N ALA B 162 13.28 3.67 -6.11
CA ALA B 162 12.68 4.32 -4.95
C ALA B 162 11.18 4.04 -4.86
N LEU B 163 10.50 4.00 -6.00
CA LEU B 163 9.05 3.78 -6.04
C LEU B 163 8.79 2.28 -6.10
N THR B 164 8.25 1.73 -5.00
CA THR B 164 8.01 0.31 -4.89
C THR B 164 6.54 -0.04 -4.76
N SER B 165 5.82 0.62 -3.85
CA SER B 165 4.41 0.30 -3.63
C SER B 165 3.58 0.70 -4.82
N GLY B 166 2.58 -0.12 -5.13
CA GLY B 166 1.68 0.15 -6.25
C GLY B 166 2.34 0.09 -7.61
N VAL B 167 3.21 -0.90 -7.84
CA VAL B 167 3.89 -1.07 -9.11
C VAL B 167 3.68 -2.50 -9.57
N HIS B 168 3.27 -2.67 -10.82
CA HIS B 168 3.12 -3.98 -11.43
C HIS B 168 3.84 -4.01 -12.77
N THR B 169 4.23 -5.22 -13.18
CA THR B 169 4.88 -5.45 -14.47
C THR B 169 4.14 -6.60 -15.15
N PHE B 170 3.31 -6.26 -16.13
CA PHE B 170 2.47 -7.25 -16.77
C PHE B 170 3.32 -8.25 -17.54
N PRO B 171 2.96 -9.54 -17.52
CA PRO B 171 3.77 -10.55 -18.20
C PRO B 171 3.89 -10.27 -19.69
N ALA B 172 5.07 -10.57 -20.23
CA ALA B 172 5.32 -10.34 -21.65
C ALA B 172 4.46 -11.25 -22.51
N VAL B 173 3.86 -10.67 -23.54
CA VAL B 173 3.03 -11.42 -24.49
C VAL B 173 3.78 -11.52 -25.81
N LEU B 174 3.51 -12.60 -26.54
CA LEU B 174 4.20 -12.88 -27.79
C LEU B 174 3.47 -12.16 -28.93
N GLN B 175 4.08 -11.08 -29.42
CA GLN B 175 3.51 -10.36 -30.56
C GLN B 175 3.54 -11.23 -31.80
N SER B 176 2.49 -11.14 -32.61
CA SER B 176 2.38 -11.99 -33.80
C SER B 176 3.54 -11.76 -34.76
N SER B 177 4.12 -10.57 -34.76
CA SER B 177 5.30 -10.33 -35.58
C SER B 177 6.51 -11.14 -35.09
N GLY B 178 6.53 -11.51 -33.82
CA GLY B 178 7.60 -12.31 -33.28
C GLY B 178 8.44 -11.60 -32.23
N LEU B 179 7.82 -10.67 -31.50
CA LEU B 179 8.50 -9.88 -30.48
C LEU B 179 7.63 -9.84 -29.22
N TYR B 180 8.03 -9.02 -28.26
CA TYR B 180 7.39 -8.96 -26.95
C TYR B 180 7.01 -7.53 -26.61
N SER B 181 6.04 -7.39 -25.71
CA SER B 181 5.56 -6.09 -25.28
C SER B 181 4.93 -6.21 -23.89
N LEU B 182 4.99 -5.11 -23.14
CA LEU B 182 4.40 -5.04 -21.81
C LEU B 182 4.16 -3.58 -21.46
N SER B 183 3.54 -3.35 -20.31
CA SER B 183 3.26 -2.00 -19.84
C SER B 183 3.32 -1.99 -18.32
N SER B 184 3.14 -0.81 -17.75
CA SER B 184 3.15 -0.61 -16.30
C SER B 184 1.88 0.11 -15.86
N VAL B 185 1.48 -0.14 -14.62
CA VAL B 185 0.21 0.37 -14.09
C VAL B 185 0.48 1.12 -12.79
N VAL B 186 1.65 1.74 -12.70
CA VAL B 186 2.03 2.49 -11.49
C VAL B 186 0.93 3.47 -11.13
N THR B 187 0.47 3.40 -9.88
CA THR B 187 -0.62 4.24 -9.38
C THR B 187 -0.09 5.03 -8.19
N VAL B 188 0.08 6.33 -8.39
CA VAL B 188 0.60 7.22 -7.35
C VAL B 188 -0.56 7.98 -6.72
N PRO B 189 -0.41 8.50 -5.50
CA PRO B 189 -1.48 9.32 -4.92
C PRO B 189 -1.74 10.56 -5.77
N SER B 190 -3.02 10.94 -5.86
CA SER B 190 -3.41 12.09 -6.66
C SER B 190 -3.11 13.42 -5.97
N SER B 191 -2.93 13.42 -4.65
CA SER B 191 -2.70 14.66 -3.92
C SER B 191 -1.35 15.29 -4.26
N SER B 192 -0.43 14.53 -4.86
CA SER B 192 0.89 15.02 -5.22
C SER B 192 1.17 14.79 -6.70
N LEU B 193 0.16 15.00 -7.54
CA LEU B 193 0.33 14.81 -8.98
C LEU B 193 1.33 15.81 -9.56
N GLY B 194 1.25 17.07 -9.12
CA GLY B 194 2.17 18.08 -9.65
C GLY B 194 3.61 17.83 -9.24
N THR B 195 3.84 17.47 -7.98
CA THR B 195 5.18 17.21 -7.47
C THR B 195 5.51 15.73 -7.64
N GLN B 196 6.63 15.30 -7.05
CA GLN B 196 7.08 13.91 -7.08
C GLN B 196 7.26 13.43 -8.53
N THR B 197 8.24 14.06 -9.19
CA THR B 197 8.55 13.71 -10.57
C THR B 197 8.84 12.22 -10.70
N TYR B 198 8.22 11.58 -11.68
CA TYR B 198 8.26 10.14 -11.83
C TYR B 198 9.05 9.77 -13.09
N ILE B 199 10.05 8.90 -12.90
CA ILE B 199 10.91 8.44 -13.97
C ILE B 199 10.90 6.92 -13.98
N CYS B 200 10.56 6.33 -15.12
CA CYS B 200 10.68 4.90 -15.34
C CYS B 200 11.95 4.62 -16.13
N ASN B 201 12.47 3.41 -16.00
CA ASN B 201 13.62 2.98 -16.78
C ASN B 201 13.53 1.50 -17.07
N VAL B 202 14.04 1.10 -18.24
CA VAL B 202 14.03 -0.28 -18.66
C VAL B 202 15.40 -0.61 -19.26
N ASN B 203 15.88 -1.82 -18.98
CA ASN B 203 17.14 -2.30 -19.53
C ASN B 203 16.95 -3.71 -20.06
N HIS B 204 17.66 -4.00 -21.15
CA HIS B 204 17.62 -5.29 -21.83
C HIS B 204 19.07 -5.78 -21.96
N LYS B 205 19.46 -6.68 -21.06
CA LYS B 205 20.84 -7.15 -21.05
C LYS B 205 21.27 -7.79 -22.37
N PRO B 206 20.47 -8.66 -23.02
CA PRO B 206 20.93 -9.20 -24.32
C PRO B 206 21.19 -8.13 -25.37
N SER B 207 20.40 -7.05 -25.37
CA SER B 207 20.59 -5.98 -26.33
C SER B 207 21.52 -4.88 -25.82
N ASN B 208 21.92 -4.94 -24.55
CA ASN B 208 22.88 -4.01 -23.96
C ASN B 208 22.39 -2.56 -24.12
N THR B 209 21.30 -2.26 -23.42
CA THR B 209 20.74 -0.91 -23.42
C THR B 209 20.10 -0.62 -22.07
N LYS B 210 20.08 0.66 -21.71
CA LYS B 210 19.46 1.13 -20.47
C LYS B 210 18.78 2.47 -20.79
N VAL B 211 17.49 2.42 -21.09
CA VAL B 211 16.75 3.58 -21.59
C VAL B 211 15.82 4.07 -20.49
N ASP B 212 15.85 5.38 -20.24
CA ASP B 212 15.04 6.03 -19.23
C ASP B 212 13.99 6.91 -19.88
N LYS B 213 12.89 7.14 -19.16
CA LYS B 213 11.86 8.07 -19.61
C LYS B 213 11.19 8.65 -18.38
N LYS B 214 10.54 9.80 -18.57
CA LYS B 214 9.91 10.53 -17.47
C LYS B 214 8.45 10.79 -17.82
N VAL B 215 7.56 10.59 -16.85
CA VAL B 215 6.13 10.68 -17.09
C VAL B 215 5.61 11.92 -16.36
N GLU B 216 5.09 12.89 -17.13
CA GLU B 216 4.55 14.13 -16.57
C GLU B 216 3.07 14.25 -16.88
N PRO B 217 2.16 14.14 -15.88
CA PRO B 217 0.72 14.32 -16.09
C PRO B 217 0.39 15.55 -16.95
N ASP C 1 13.30 -44.28 -12.89
CA ASP C 1 13.45 -43.64 -11.58
C ASP C 1 12.11 -43.39 -10.92
N ILE C 2 12.12 -42.63 -9.84
CA ILE C 2 10.92 -42.40 -9.03
C ILE C 2 10.04 -41.38 -9.74
N VAL C 3 8.72 -41.60 -9.67
CA VAL C 3 7.74 -40.70 -10.26
C VAL C 3 6.82 -40.22 -9.14
N LEU C 4 6.61 -38.91 -9.07
CA LEU C 4 5.77 -38.29 -8.05
C LEU C 4 4.60 -37.58 -8.70
N THR C 5 3.39 -37.86 -8.22
CA THR C 5 2.18 -37.23 -8.72
C THR C 5 1.57 -36.38 -7.61
N GLN C 6 1.30 -35.11 -7.92
CA GLN C 6 0.84 -34.16 -6.91
C GLN C 6 -0.66 -33.93 -7.04
N SER C 7 -1.38 -34.12 -5.95
CA SER C 7 -2.80 -33.88 -5.86
C SER C 7 -3.09 -32.86 -4.79
N PRO C 8 -3.79 -31.76 -5.09
CA PRO C 8 -4.27 -31.45 -6.45
C PRO C 8 -3.19 -30.84 -7.33
N THR C 9 -3.58 -30.16 -8.41
CA THR C 9 -2.66 -29.42 -9.25
C THR C 9 -2.91 -27.92 -9.24
N SER C 10 -4.04 -27.48 -8.71
CA SER C 10 -4.33 -26.06 -8.54
C SER C 10 -5.51 -25.91 -7.59
N LEU C 11 -5.33 -25.15 -6.50
CA LEU C 11 -6.37 -24.98 -5.50
C LEU C 11 -6.39 -23.54 -5.03
N ALA C 12 -7.56 -23.09 -4.58
CA ALA C 12 -7.74 -21.76 -4.04
C ALA C 12 -8.36 -21.87 -2.65
N VAL C 13 -7.70 -21.28 -1.65
CA VAL C 13 -8.16 -21.31 -0.28
C VAL C 13 -8.12 -19.89 0.27
N SER C 14 -9.21 -19.46 0.88
CA SER C 14 -9.30 -18.11 1.41
C SER C 14 -8.39 -17.94 2.62
N LEU C 15 -8.14 -16.68 2.97
CA LEU C 15 -7.26 -16.36 4.09
C LEU C 15 -7.78 -16.97 5.39
N GLY C 16 -6.86 -17.53 6.17
CA GLY C 16 -7.19 -18.10 7.46
C GLY C 16 -7.77 -19.49 7.44
N GLN C 17 -7.94 -20.09 6.28
CA GLN C 17 -8.47 -21.44 6.18
C GLN C 17 -7.36 -22.46 5.97
N ARG C 18 -7.72 -23.72 6.16
CA ARG C 18 -6.76 -24.81 6.04
C ARG C 18 -6.52 -25.18 4.57
N ALA C 19 -5.31 -25.66 4.30
CA ALA C 19 -4.94 -26.18 2.98
C ALA C 19 -4.21 -27.50 3.16
N THR C 20 -4.31 -28.36 2.15
CA THR C 20 -3.71 -29.68 2.23
C THR C 20 -3.27 -30.14 0.85
N ILE C 21 -2.06 -30.70 0.77
CA ILE C 21 -1.48 -31.19 -0.47
C ILE C 21 -0.99 -32.61 -0.24
N SER C 22 -0.89 -33.37 -1.31
CA SER C 22 -0.39 -34.75 -1.22
C SER C 22 0.47 -35.07 -2.44
N CYS C 23 1.73 -35.41 -2.21
CA CYS C 23 2.65 -35.79 -3.28
C CYS C 23 2.82 -37.30 -3.22
N ARG C 24 1.95 -38.02 -3.93
CA ARG C 24 1.97 -39.47 -3.92
C ARG C 24 3.16 -39.98 -4.72
N ALA C 25 3.81 -41.03 -4.19
CA ALA C 25 4.97 -41.63 -4.81
C ALA C 25 4.64 -43.03 -5.30
N SER C 26 5.25 -43.41 -6.42
CA SER C 26 5.03 -44.74 -6.98
C SER C 26 5.74 -45.82 -6.18
N GLU C 27 6.85 -45.49 -5.54
CA GLU C 27 7.64 -46.45 -4.78
C GLU C 27 7.88 -45.91 -3.38
N SER C 28 8.04 -46.82 -2.42
CA SER C 28 8.30 -46.44 -1.04
C SER C 28 9.61 -45.67 -0.93
N VAL C 29 9.52 -44.37 -0.63
CA VAL C 29 10.70 -43.52 -0.60
C VAL C 29 11.29 -43.49 0.80
N ASP C 30 10.81 -44.35 1.69
CA ASP C 30 11.30 -44.41 3.06
C ASP C 30 12.50 -45.36 3.09
N SER C 31 13.71 -44.77 3.10
CA SER C 31 14.92 -45.60 3.13
C SER C 31 15.24 -46.05 4.54
N TYR C 32 15.55 -45.11 5.43
CA TYR C 32 15.87 -45.40 6.82
C TYR C 32 14.99 -44.54 7.72
N GLY C 33 14.41 -45.16 8.74
CA GLY C 33 13.59 -44.45 9.71
C GLY C 33 12.42 -43.73 9.09
N ASP C 34 12.49 -42.40 9.06
CA ASP C 34 11.46 -41.57 8.46
C ASP C 34 11.72 -41.37 6.98
N SER C 35 10.65 -41.06 6.25
CA SER C 35 10.74 -40.91 4.81
C SER C 35 11.60 -39.71 4.42
N PHE C 36 12.19 -39.78 3.24
CA PHE C 36 13.05 -38.71 2.72
C PHE C 36 12.29 -37.97 1.63
N LEU C 37 11.74 -36.82 1.99
CA LEU C 37 10.99 -35.99 1.05
C LEU C 37 11.31 -34.52 1.33
N HIS C 38 11.08 -33.68 0.33
CA HIS C 38 11.26 -32.24 0.47
C HIS C 38 10.02 -31.54 -0.08
N TRP C 39 9.80 -30.31 0.38
CA TRP C 39 8.55 -29.59 0.11
C TRP C 39 8.83 -28.13 -0.27
N TYR C 40 9.72 -27.92 -1.24
CA TYR C 40 10.12 -26.58 -1.63
C TYR C 40 8.92 -25.74 -2.05
N GLN C 41 9.03 -24.42 -1.85
CA GLN C 41 8.03 -23.45 -2.26
C GLN C 41 8.69 -22.39 -3.12
N GLN C 42 8.10 -22.11 -4.28
CA GLN C 42 8.60 -21.08 -5.18
C GLN C 42 7.55 -20.01 -5.36
N LYS C 43 7.84 -18.80 -4.90
CA LYS C 43 6.97 -17.66 -5.12
C LYS C 43 7.07 -17.20 -6.57
N PRO C 44 6.07 -16.46 -7.06
CA PRO C 44 6.12 -15.98 -8.45
C PRO C 44 7.36 -15.13 -8.70
N GLY C 45 8.23 -15.63 -9.57
CA GLY C 45 9.46 -14.93 -9.90
C GLY C 45 10.62 -15.26 -8.98
N GLN C 46 10.34 -15.35 -7.68
CA GLN C 46 11.39 -15.59 -6.70
C GLN C 46 11.93 -17.01 -6.83
N PRO C 47 13.20 -17.24 -6.48
CA PRO C 47 13.72 -18.60 -6.45
C PRO C 47 13.06 -19.40 -5.34
N PRO C 48 12.95 -20.72 -5.50
CA PRO C 48 12.28 -21.52 -4.48
C PRO C 48 13.03 -21.49 -3.15
N ILE C 49 12.28 -21.58 -2.06
CA ILE C 49 12.84 -21.64 -0.72
C ILE C 49 12.37 -22.93 -0.05
N LEU C 50 13.16 -23.41 0.90
CA LEU C 50 12.95 -24.70 1.51
C LEU C 50 12.01 -24.60 2.70
N LEU C 51 11.16 -25.62 2.84
CA LEU C 51 10.31 -25.81 4.00
C LEU C 51 9.93 -27.28 4.05
N ILE C 52 9.93 -27.84 5.27
CA ILE C 52 9.71 -29.26 5.48
C ILE C 52 10.74 -30.04 4.66
N TYR C 53 11.90 -30.29 5.26
CA TYR C 53 13.04 -30.81 4.50
C TYR C 53 13.32 -32.30 4.72
N ARG C 54 12.62 -32.95 5.63
CA ARG C 54 12.73 -34.41 5.77
C ARG C 54 11.42 -34.92 6.37
N ALA C 55 10.52 -35.39 5.50
CA ALA C 55 9.22 -35.90 5.91
C ALA C 55 8.44 -34.87 6.72
N SER C 56 8.90 -34.60 7.94
CA SER C 56 8.25 -33.63 8.82
C SER C 56 9.21 -32.65 9.48
N ASN C 57 10.51 -32.79 9.28
CA ASN C 57 11.46 -31.87 9.88
C ASN C 57 11.34 -30.50 9.23
N LEU C 58 11.23 -29.47 10.06
CA LEU C 58 11.00 -28.11 9.61
C LEU C 58 12.32 -27.35 9.51
N ASP C 59 12.45 -26.55 8.46
CA ASP C 59 13.68 -25.79 8.23
C ASP C 59 13.85 -24.71 9.30
N SER C 60 15.09 -24.27 9.47
CA SER C 60 15.44 -23.29 10.49
C SER C 60 15.10 -21.89 9.98
N GLY C 61 14.06 -21.29 10.55
CA GLY C 61 13.67 -19.94 10.17
C GLY C 61 12.48 -19.92 9.22
N ILE C 62 11.50 -20.79 9.49
CA ILE C 62 10.31 -20.90 8.67
C ILE C 62 9.09 -20.83 9.59
N PRO C 63 8.01 -20.15 9.19
CA PRO C 63 6.85 -20.04 10.08
C PRO C 63 6.30 -21.40 10.46
N ALA C 64 5.83 -21.51 11.72
CA ALA C 64 5.35 -22.77 12.26
C ALA C 64 4.02 -23.21 11.67
N ARG C 65 3.36 -22.37 10.88
CA ARG C 65 2.08 -22.74 10.28
C ARG C 65 2.21 -23.85 9.25
N PHE C 66 3.43 -24.16 8.80
CA PHE C 66 3.64 -25.32 7.95
C PHE C 66 3.79 -26.57 8.83
N SER C 67 3.74 -27.73 8.17
CA SER C 67 3.89 -29.00 8.88
C SER C 67 4.19 -30.08 7.85
N GLY C 68 4.64 -31.23 8.35
CA GLY C 68 4.93 -32.36 7.49
C GLY C 68 4.49 -33.64 8.15
N SER C 69 4.24 -34.65 7.31
CA SER C 69 3.79 -35.95 7.77
C SER C 69 3.86 -36.92 6.60
N GLY C 70 3.47 -38.16 6.87
CA GLY C 70 3.38 -39.18 5.85
C GLY C 70 4.66 -40.00 5.75
N SER C 71 4.51 -41.21 5.20
CA SER C 71 5.64 -42.10 5.00
C SER C 71 5.28 -43.09 3.91
N ARG C 72 6.32 -43.72 3.35
CA ARG C 72 6.20 -44.79 2.35
C ARG C 72 5.59 -44.26 1.06
N THR C 73 4.28 -44.08 1.04
CA THR C 73 3.60 -43.57 -0.16
C THR C 73 2.87 -42.26 0.10
N ASP C 74 2.01 -42.24 1.11
CA ASP C 74 1.20 -41.06 1.39
C ASP C 74 2.01 -39.96 2.05
N PHE C 75 1.67 -38.71 1.73
CA PHE C 75 2.42 -37.54 2.17
C PHE C 75 1.48 -36.36 2.28
N THR C 76 1.80 -35.44 3.19
CA THR C 76 0.90 -34.32 3.47
C THR C 76 1.70 -33.11 3.95
N LEU C 77 1.44 -31.96 3.33
CA LEU C 77 1.97 -30.68 3.76
C LEU C 77 0.79 -29.78 4.10
N THR C 78 0.68 -29.37 5.35
CA THR C 78 -0.47 -28.64 5.85
C THR C 78 -0.08 -27.22 6.22
N ILE C 79 -0.83 -26.26 5.73
CA ILE C 79 -0.69 -24.86 6.11
C ILE C 79 -2.01 -24.46 6.76
N ASN C 80 -2.09 -24.61 8.09
CA ASN C 80 -3.38 -24.43 8.76
C ASN C 80 -3.90 -23.00 8.64
N PRO C 81 -3.15 -21.96 8.96
CA PRO C 81 -3.53 -20.62 8.52
C PRO C 81 -2.81 -20.26 7.23
N VAL C 82 -3.54 -19.63 6.31
CA VAL C 82 -2.99 -19.21 5.02
C VAL C 82 -3.05 -17.68 4.98
N GLU C 83 -1.89 -17.04 5.00
CA GLU C 83 -1.82 -15.60 4.95
C GLU C 83 -1.93 -15.12 3.49
N ALA C 84 -1.92 -13.79 3.32
CA ALA C 84 -2.09 -13.23 1.99
C ALA C 84 -0.91 -13.58 1.08
N ASP C 85 0.31 -13.57 1.63
CA ASP C 85 1.51 -13.77 0.82
C ASP C 85 1.90 -15.23 0.69
N ASP C 86 1.11 -16.17 1.23
CA ASP C 86 1.38 -17.58 1.02
C ASP C 86 0.80 -18.04 -0.31
N VAL C 87 1.12 -17.34 -1.38
CA VAL C 87 0.73 -17.71 -2.73
C VAL C 87 2.01 -18.04 -3.50
N ALA C 88 2.11 -19.28 -3.95
CA ALA C 88 3.32 -19.78 -4.59
C ALA C 88 2.99 -21.13 -5.22
N THR C 89 4.02 -21.83 -5.69
CA THR C 89 3.90 -23.20 -6.12
C THR C 89 4.67 -24.09 -5.16
N TYR C 90 4.00 -25.09 -4.59
CA TYR C 90 4.60 -25.99 -3.62
C TYR C 90 4.98 -27.29 -4.34
N TYR C 91 6.24 -27.67 -4.24
CA TYR C 91 6.79 -28.80 -4.96
C TYR C 91 7.16 -29.92 -3.99
N CYS C 92 7.61 -31.04 -4.55
CA CYS C 92 8.01 -32.18 -3.73
C CYS C 92 9.17 -32.90 -4.41
N GLN C 93 10.17 -33.25 -3.62
CA GLN C 93 11.38 -33.90 -4.12
C GLN C 93 11.78 -35.01 -3.15
N GLN C 94 12.18 -36.16 -3.70
CA GLN C 94 12.68 -37.27 -2.91
C GLN C 94 14.19 -37.35 -3.01
N SER C 95 14.82 -37.84 -1.93
CA SER C 95 16.27 -37.80 -1.77
C SER C 95 16.83 -39.18 -1.46
N ASN C 96 16.42 -40.19 -2.24
CA ASN C 96 16.84 -41.56 -1.98
C ASN C 96 17.73 -42.13 -3.08
N GLU C 97 17.27 -42.13 -4.33
CA GLU C 97 17.98 -42.81 -5.41
C GLU C 97 18.21 -41.86 -6.57
N ASP C 98 19.38 -41.96 -7.18
CA ASP C 98 19.69 -41.15 -8.34
C ASP C 98 18.83 -41.58 -9.53
N PRO C 99 18.24 -40.62 -10.26
CA PRO C 99 18.27 -39.21 -9.93
C PRO C 99 17.08 -38.80 -9.07
N TYR C 100 17.14 -37.62 -8.46
CA TYR C 100 16.04 -37.09 -7.68
C TYR C 100 15.09 -36.35 -8.61
N THR C 101 13.80 -36.71 -8.55
CA THR C 101 12.80 -36.21 -9.49
C THR C 101 11.79 -35.34 -8.77
N PHE C 102 11.50 -34.18 -9.34
CA PHE C 102 10.50 -33.28 -8.81
C PHE C 102 9.11 -33.72 -9.28
N GLY C 103 8.11 -32.87 -9.06
CA GLY C 103 6.77 -33.14 -9.53
C GLY C 103 6.16 -31.93 -10.21
N GLY C 104 4.90 -32.05 -10.63
CA GLY C 104 4.22 -30.92 -11.25
C GLY C 104 4.00 -29.78 -10.29
N GLY C 105 3.64 -30.08 -9.04
CA GLY C 105 3.42 -29.05 -8.04
C GLY C 105 2.02 -28.50 -8.09
N THR C 106 1.69 -27.75 -7.04
CA THR C 106 0.39 -27.12 -6.89
C THR C 106 0.50 -25.63 -7.15
N LYS C 107 -0.66 -24.96 -7.13
CA LYS C 107 -0.73 -23.51 -7.28
C LYS C 107 -1.81 -23.03 -6.31
N LEU C 108 -1.38 -22.63 -5.11
CA LEU C 108 -2.31 -22.23 -4.07
C LEU C 108 -2.74 -20.78 -4.31
N GLU C 109 -4.03 -20.58 -4.57
CA GLU C 109 -4.58 -19.27 -4.87
C GLU C 109 -5.42 -18.78 -3.69
N ILE C 110 -5.83 -17.52 -3.78
CA ILE C 110 -6.63 -16.88 -2.75
C ILE C 110 -7.98 -16.47 -3.34
N LYS C 111 -9.06 -16.89 -2.70
CA LYS C 111 -10.41 -16.45 -3.05
C LYS C 111 -10.83 -15.38 -2.04
N ARG C 112 -10.82 -14.13 -2.46
CA ARG C 112 -11.27 -13.03 -1.63
C ARG C 112 -12.67 -12.60 -2.03
N THR C 113 -13.23 -11.67 -1.25
CA THR C 113 -14.52 -11.10 -1.59
C THR C 113 -14.45 -10.37 -2.91
N VAL C 114 -15.57 -10.40 -3.64
CA VAL C 114 -15.60 -9.83 -4.99
C VAL C 114 -15.21 -8.36 -4.94
N ALA C 115 -14.28 -7.97 -5.81
CA ALA C 115 -13.77 -6.62 -5.85
C ALA C 115 -14.44 -5.85 -6.98
N ALA C 116 -13.98 -4.61 -7.21
CA ALA C 116 -14.56 -3.74 -8.22
C ALA C 116 -13.45 -3.22 -9.12
N PRO C 117 -13.48 -3.50 -10.42
CA PRO C 117 -12.45 -2.98 -11.32
C PRO C 117 -12.50 -1.47 -11.46
N SER C 118 -11.56 -0.91 -12.21
CA SER C 118 -11.56 0.52 -12.52
C SER C 118 -10.86 0.68 -13.87
N VAL C 119 -11.65 0.80 -14.94
CA VAL C 119 -11.08 0.85 -16.27
C VAL C 119 -10.38 2.18 -16.48
N PHE C 120 -9.10 2.12 -16.85
CA PHE C 120 -8.29 3.30 -17.15
C PHE C 120 -7.91 3.27 -18.62
N ILE C 121 -8.21 4.35 -19.32
CA ILE C 121 -7.93 4.47 -20.75
C ILE C 121 -6.67 5.32 -20.94
N PHE C 122 -5.69 4.78 -21.65
CA PHE C 122 -4.43 5.46 -21.90
C PHE C 122 -4.23 5.56 -23.42
N PRO C 123 -4.03 6.76 -23.96
CA PRO C 123 -3.94 6.92 -25.40
C PRO C 123 -2.52 6.66 -25.90
N PRO C 124 -2.34 6.54 -27.21
CA PRO C 124 -0.99 6.36 -27.75
C PRO C 124 -0.12 7.59 -27.53
N SER C 125 1.19 7.36 -27.42
CA SER C 125 2.15 8.43 -27.24
C SER C 125 2.64 8.95 -28.59
N ASP C 126 2.92 10.25 -28.65
CA ASP C 126 3.24 10.90 -29.92
C ASP C 126 4.46 10.28 -30.59
N GLU C 127 5.40 9.74 -29.80
CA GLU C 127 6.55 9.08 -30.40
C GLU C 127 6.12 7.88 -31.23
N GLN C 128 5.12 7.13 -30.76
CA GLN C 128 4.63 5.98 -31.53
C GLN C 128 3.86 6.45 -32.77
N LEU C 129 3.13 7.57 -32.65
CA LEU C 129 2.46 8.12 -33.83
C LEU C 129 3.46 8.52 -34.90
N LYS C 130 4.56 9.16 -34.51
CA LYS C 130 5.59 9.48 -35.49
C LYS C 130 6.38 8.25 -35.91
N SER C 131 6.28 7.15 -35.15
CA SER C 131 6.88 5.88 -35.56
C SER C 131 6.00 5.08 -36.51
N GLY C 132 4.73 5.45 -36.67
CA GLY C 132 3.85 4.78 -37.60
C GLY C 132 2.93 3.73 -37.02
N THR C 133 2.78 3.67 -35.70
CA THR C 133 1.93 2.69 -35.05
C THR C 133 1.08 3.39 -34.00
N ALA C 134 -0.05 2.77 -33.66
CA ALA C 134 -0.91 3.28 -32.60
C ALA C 134 -1.24 2.15 -31.64
N SER C 135 -1.18 2.43 -30.34
CA SER C 135 -1.46 1.44 -29.31
C SER C 135 -2.19 2.14 -28.17
N VAL C 136 -3.36 1.61 -27.83
CA VAL C 136 -4.21 2.18 -26.80
C VAL C 136 -4.38 1.15 -25.69
N VAL C 137 -4.26 1.58 -24.44
CA VAL C 137 -4.23 0.66 -23.31
C VAL C 137 -5.48 0.86 -22.46
N CYS C 138 -6.36 -0.13 -22.47
CA CYS C 138 -7.52 -0.13 -21.59
C CYS C 138 -7.25 -1.03 -20.39
N LEU C 139 -6.47 -0.51 -19.45
CA LEU C 139 -5.97 -1.33 -18.36
C LEU C 139 -6.93 -1.29 -17.18
N LEU C 140 -7.20 -2.45 -16.60
CA LEU C 140 -8.02 -2.55 -15.40
C LEU C 140 -7.13 -2.34 -14.18
N ASN C 141 -7.68 -2.56 -12.99
CA ASN C 141 -6.91 -2.44 -11.76
C ASN C 141 -7.73 -2.99 -10.60
N ASN C 142 -7.08 -3.75 -9.72
CA ASN C 142 -7.65 -4.22 -8.47
C ASN C 142 -8.85 -5.15 -8.66
N PHE C 143 -9.03 -5.69 -9.87
CA PHE C 143 -10.18 -6.52 -10.13
C PHE C 143 -9.97 -7.94 -9.61
N TYR C 144 -11.07 -8.60 -9.24
CA TYR C 144 -11.06 -9.98 -8.82
C TYR C 144 -12.48 -10.54 -8.95
N PRO C 145 -12.66 -11.78 -9.43
CA PRO C 145 -11.63 -12.73 -9.85
C PRO C 145 -11.04 -12.46 -11.23
N ARG C 146 -10.40 -13.47 -11.81
CA ARG C 146 -9.72 -13.28 -13.09
C ARG C 146 -10.70 -12.97 -14.20
N GLU C 147 -11.89 -13.54 -14.15
CA GLU C 147 -12.87 -13.38 -15.23
C GLU C 147 -13.26 -11.92 -15.40
N ALA C 148 -12.86 -11.32 -16.51
CA ALA C 148 -13.19 -9.93 -16.81
C ALA C 148 -13.14 -9.74 -18.31
N LYS C 149 -14.32 -9.62 -18.93
CA LYS C 149 -14.41 -9.50 -20.38
C LYS C 149 -14.21 -8.05 -20.79
N VAL C 150 -13.20 -7.81 -21.63
CA VAL C 150 -12.85 -6.47 -22.10
C VAL C 150 -12.98 -6.46 -23.60
N GLN C 151 -13.81 -5.56 -24.13
CA GLN C 151 -14.01 -5.41 -25.56
C GLN C 151 -13.79 -3.96 -25.97
N TRP C 152 -13.37 -3.76 -27.20
CA TRP C 152 -13.04 -2.44 -27.73
C TRP C 152 -14.10 -1.99 -28.72
N LYS C 153 -14.48 -0.71 -28.63
CA LYS C 153 -15.42 -0.09 -29.56
C LYS C 153 -14.71 1.05 -30.27
N VAL C 154 -14.63 0.96 -31.59
CA VAL C 154 -14.07 2.02 -32.42
C VAL C 154 -15.23 2.61 -33.21
N ASP C 155 -15.72 3.76 -32.77
CA ASP C 155 -16.90 4.40 -33.35
C ASP C 155 -18.08 3.43 -33.37
N ASN C 156 -18.28 2.76 -32.25
CA ASN C 156 -19.32 1.76 -32.01
C ASN C 156 -19.14 0.51 -32.86
N ALA C 157 -17.97 0.32 -33.47
CA ALA C 157 -17.65 -0.90 -34.20
C ALA C 157 -16.72 -1.74 -33.33
N LEU C 158 -17.18 -2.90 -32.90
CA LEU C 158 -16.42 -3.73 -31.97
C LEU C 158 -15.29 -4.43 -32.72
N GLN C 159 -14.05 -4.10 -32.35
CA GLN C 159 -12.89 -4.76 -32.92
C GLN C 159 -12.80 -6.19 -32.41
N SER C 160 -12.31 -7.08 -33.28
CA SER C 160 -12.12 -8.47 -32.91
C SER C 160 -10.88 -9.01 -33.61
N GLY C 161 -10.08 -9.79 -32.88
CA GLY C 161 -8.87 -10.36 -33.44
C GLY C 161 -7.75 -9.37 -33.67
N ASN C 162 -7.78 -8.21 -33.00
CA ASN C 162 -6.75 -7.20 -33.16
C ASN C 162 -6.31 -6.63 -31.83
N SER C 163 -6.41 -7.41 -30.76
CA SER C 163 -6.01 -6.94 -29.44
C SER C 163 -5.45 -8.11 -28.65
N GLN C 164 -4.66 -7.78 -27.63
CA GLN C 164 -4.04 -8.77 -26.76
C GLN C 164 -4.24 -8.35 -25.31
N GLU C 165 -4.18 -9.33 -24.41
CA GLU C 165 -4.34 -9.10 -22.98
C GLU C 165 -3.24 -9.82 -22.21
N SER C 166 -2.84 -9.20 -21.10
CA SER C 166 -1.85 -9.78 -20.20
C SER C 166 -2.34 -9.61 -18.78
N VAL C 167 -2.25 -10.68 -17.98
CA VAL C 167 -2.77 -10.70 -16.63
C VAL C 167 -1.64 -11.06 -15.68
N THR C 168 -1.47 -10.25 -14.64
CA THR C 168 -0.47 -10.53 -13.62
C THR C 168 -1.01 -11.58 -12.64
N GLU C 169 -0.19 -11.91 -11.65
CA GLU C 169 -0.58 -12.85 -10.61
C GLU C 169 -1.14 -12.11 -9.40
N GLN C 170 -1.65 -12.90 -8.45
CA GLN C 170 -2.18 -12.32 -7.22
C GLN C 170 -1.07 -11.56 -6.49
N ASP C 171 -1.38 -10.33 -6.06
CA ASP C 171 -0.43 -9.56 -5.28
C ASP C 171 -0.21 -10.24 -3.93
N SER C 172 1.04 -10.23 -3.48
CA SER C 172 1.38 -10.92 -2.23
C SER C 172 0.68 -10.30 -1.03
N LYS C 173 0.58 -8.98 -1.00
CA LYS C 173 0.06 -8.31 0.19
C LYS C 173 -1.46 -8.42 0.32
N ASP C 174 -2.20 -8.41 -0.79
CA ASP C 174 -3.65 -8.36 -0.70
C ASP C 174 -4.38 -9.21 -1.74
N SER C 175 -3.68 -10.06 -2.51
CA SER C 175 -4.31 -10.97 -3.47
C SER C 175 -5.11 -10.19 -4.52
N THR C 176 -4.38 -9.43 -5.32
CA THR C 176 -4.96 -8.51 -6.29
C THR C 176 -4.43 -8.80 -7.69
N TYR C 177 -5.35 -8.87 -8.66
CA TYR C 177 -4.99 -9.06 -10.05
C TYR C 177 -4.79 -7.72 -10.74
N SER C 178 -4.52 -7.77 -12.05
CA SER C 178 -4.41 -6.59 -12.90
C SER C 178 -4.38 -7.03 -14.35
N LEU C 179 -5.14 -6.34 -15.19
CA LEU C 179 -5.23 -6.66 -16.60
C LEU C 179 -4.92 -5.42 -17.43
N SER C 180 -4.24 -5.61 -18.56
CA SER C 180 -3.83 -4.51 -19.42
C SER C 180 -4.11 -4.91 -20.88
N SER C 181 -5.30 -4.58 -21.36
CA SER C 181 -5.65 -4.87 -22.75
C SER C 181 -5.05 -3.80 -23.66
N THR C 182 -4.38 -4.25 -24.72
CA THR C 182 -3.74 -3.35 -25.67
C THR C 182 -4.40 -3.51 -27.03
N LEU C 183 -4.80 -2.38 -27.62
CA LEU C 183 -5.30 -2.36 -28.99
C LEU C 183 -4.23 -1.76 -29.90
N THR C 184 -3.88 -2.50 -30.95
CA THR C 184 -2.82 -2.12 -31.86
C THR C 184 -3.42 -1.81 -33.23
N LEU C 185 -2.87 -0.79 -33.90
CA LEU C 185 -3.33 -0.42 -35.23
C LEU C 185 -2.19 0.24 -35.99
N SER C 186 -2.27 0.19 -37.31
CA SER C 186 -1.32 0.84 -38.17
C SER C 186 -1.68 2.32 -38.34
N LYS C 187 -0.68 3.11 -38.72
CA LYS C 187 -0.90 4.54 -38.91
C LYS C 187 -1.89 4.81 -40.03
N ALA C 188 -1.82 4.03 -41.11
CA ALA C 188 -2.76 4.20 -42.22
C ALA C 188 -4.19 3.94 -41.77
N ASP C 189 -4.40 2.89 -40.97
CA ASP C 189 -5.73 2.60 -40.44
C ASP C 189 -6.08 3.45 -39.23
N TYR C 190 -5.11 4.12 -38.62
CA TYR C 190 -5.40 4.95 -37.46
C TYR C 190 -6.10 6.25 -37.86
N GLU C 191 -5.72 6.82 -39.01
CA GLU C 191 -6.26 8.10 -39.44
C GLU C 191 -7.63 7.98 -40.10
N LYS C 192 -8.12 6.77 -40.33
CA LYS C 192 -9.42 6.57 -40.96
C LYS C 192 -10.55 6.45 -39.94
N HIS C 193 -10.24 6.52 -38.64
CA HIS C 193 -11.26 6.33 -37.61
C HIS C 193 -11.26 7.49 -36.61
N LYS C 194 -11.97 7.32 -35.50
CA LYS C 194 -12.28 8.42 -34.60
C LYS C 194 -12.29 7.88 -33.17
N VAL C 195 -12.96 8.63 -32.28
CA VAL C 195 -12.94 8.43 -30.82
C VAL C 195 -13.06 6.97 -30.43
N TYR C 196 -12.30 6.56 -29.41
CA TYR C 196 -12.24 5.19 -28.93
C TYR C 196 -12.86 5.07 -27.54
N ALA C 197 -13.16 3.83 -27.16
CA ALA C 197 -13.78 3.55 -25.86
C ALA C 197 -13.59 2.07 -25.56
N CYS C 198 -13.98 1.69 -24.34
CA CYS C 198 -13.87 0.31 -23.89
C CYS C 198 -15.04 -0.04 -23.00
N GLU C 199 -15.12 -1.31 -22.61
CA GLU C 199 -16.16 -1.81 -21.72
C GLU C 199 -15.57 -2.91 -20.84
N VAL C 200 -16.25 -3.19 -19.74
CA VAL C 200 -15.89 -4.27 -18.84
C VAL C 200 -17.14 -5.11 -18.57
N THR C 201 -16.94 -6.38 -18.22
CA THR C 201 -18.07 -7.25 -17.97
C THR C 201 -17.82 -8.13 -16.74
N HIS C 202 -16.87 -7.77 -15.89
CA HIS C 202 -16.60 -8.54 -14.70
C HIS C 202 -17.80 -8.48 -13.75
N GLN C 203 -17.94 -9.53 -12.93
CA GLN C 203 -19.07 -9.59 -12.01
C GLN C 203 -18.79 -8.73 -10.79
N GLY C 204 -18.39 -7.49 -11.02
CA GLY C 204 -18.17 -6.50 -9.98
C GLY C 204 -19.15 -5.36 -10.12
N LEU C 205 -18.70 -4.28 -10.76
CA LEU C 205 -19.57 -3.16 -11.07
C LEU C 205 -20.82 -3.65 -11.80
N SER C 206 -21.94 -2.96 -11.55
CA SER C 206 -23.24 -3.45 -12.01
C SER C 206 -23.32 -3.52 -13.52
N SER C 207 -22.83 -2.50 -14.21
CA SER C 207 -22.99 -2.38 -15.65
C SER C 207 -21.65 -2.16 -16.32
N PRO C 208 -21.53 -2.50 -17.61
CA PRO C 208 -20.29 -2.21 -18.34
C PRO C 208 -19.91 -0.73 -18.30
N VAL C 209 -18.80 -0.43 -17.66
CA VAL C 209 -18.31 0.94 -17.54
C VAL C 209 -17.46 1.28 -18.76
N THR C 210 -17.63 2.49 -19.27
CA THR C 210 -16.92 2.94 -20.45
C THR C 210 -16.18 4.23 -20.15
N LYS C 211 -14.86 4.21 -20.35
CA LYS C 211 -14.03 5.41 -20.30
C LYS C 211 -13.54 5.70 -21.70
N SER C 212 -13.95 6.85 -22.25
CA SER C 212 -13.69 7.18 -23.65
C SER C 212 -12.86 8.45 -23.72
N PHE C 213 -11.78 8.41 -24.50
CA PHE C 213 -10.95 9.57 -24.76
C PHE C 213 -11.19 10.03 -26.19
N ASN C 214 -11.39 11.34 -26.37
CA ASN C 214 -11.64 11.87 -27.70
C ASN C 214 -10.39 11.80 -28.57
N ARG C 215 -10.59 11.59 -29.85
CA ARG C 215 -9.47 11.53 -30.79
C ARG C 215 -8.92 12.92 -31.05
N GLY C 216 -7.60 13.06 -30.97
CA GLY C 216 -6.94 14.32 -31.21
C GLY C 216 -7.26 15.38 -30.16
N LYS D 1 3.98 2.56 7.51
CA LYS D 1 3.73 1.53 6.51
C LYS D 1 2.33 0.95 6.67
N VAL D 2 1.94 0.69 7.91
CA VAL D 2 0.60 0.18 8.18
C VAL D 2 -0.42 1.25 7.81
N GLN D 3 -1.46 0.84 7.09
CA GLN D 3 -2.52 1.77 6.68
C GLN D 3 -3.86 1.22 7.10
N LEU D 4 -4.74 2.10 7.55
CA LEU D 4 -6.09 1.74 7.95
C LEU D 4 -7.05 2.55 7.08
N GLN D 5 -8.01 1.86 6.45
CA GLN D 5 -8.88 2.50 5.47
C GLN D 5 -10.34 2.30 5.87
N GLN D 6 -11.10 3.38 5.85
CA GLN D 6 -12.53 3.36 6.13
C GLN D 6 -13.31 3.64 4.85
N SER D 7 -14.63 3.74 4.98
CA SER D 7 -15.49 4.02 3.85
C SER D 7 -15.43 5.51 3.49
N GLY D 8 -16.18 5.89 2.47
CA GLY D 8 -16.19 7.28 2.02
C GLY D 8 -17.03 8.19 2.91
N ALA D 9 -18.34 7.96 2.92
CA ALA D 9 -19.28 8.73 3.73
C ALA D 9 -20.62 8.05 3.69
N GLU D 10 -21.42 8.26 4.73
CA GLU D 10 -22.76 7.69 4.81
C GLU D 10 -23.73 8.73 5.34
N LEU D 11 -25.01 8.35 5.36
CA LEU D 11 -26.06 9.15 5.95
C LEU D 11 -27.18 8.19 6.34
N VAL D 12 -27.73 8.39 7.54
CA VAL D 12 -28.77 7.52 8.07
C VAL D 12 -29.89 8.35 8.66
N LYS D 13 -30.87 7.68 9.27
CA LYS D 13 -31.99 8.34 9.91
C LYS D 13 -32.08 7.91 11.37
N PRO D 14 -32.65 8.74 12.25
CA PRO D 14 -32.80 8.35 13.65
C PRO D 14 -33.46 6.99 13.82
N GLY D 15 -32.71 6.02 14.36
CA GLY D 15 -33.19 4.66 14.46
C GLY D 15 -32.75 3.80 13.31
N ALA D 16 -31.47 3.91 12.94
CA ALA D 16 -30.92 3.11 11.84
C ALA D 16 -29.68 2.35 12.31
N SER D 17 -28.96 1.75 11.37
CA SER D 17 -27.75 1.00 11.72
C SER D 17 -26.83 0.97 10.50
N VAL D 18 -25.79 1.80 10.53
CA VAL D 18 -24.76 1.80 9.51
C VAL D 18 -23.55 1.06 10.06
N LYS D 19 -22.85 0.35 9.17
CA LYS D 19 -21.73 -0.50 9.56
C LYS D 19 -20.44 0.15 9.05
N LEU D 20 -19.63 0.63 9.98
CA LEU D 20 -18.35 1.24 9.63
C LEU D 20 -17.30 0.16 9.45
N SER D 21 -16.59 0.19 8.33
CA SER D 21 -15.60 -0.83 8.00
C SER D 21 -14.21 -0.23 8.09
N CYS D 22 -13.32 -0.91 8.82
CA CYS D 22 -11.93 -0.52 8.93
C CYS D 22 -11.07 -1.67 8.42
N LYS D 23 -10.39 -1.46 7.30
CA LYS D 23 -9.56 -2.46 6.66
C LYS D 23 -8.09 -2.14 6.90
N ALA D 24 -7.36 -3.10 7.45
CA ALA D 24 -5.93 -2.94 7.72
C ALA D 24 -5.11 -3.48 6.57
N SER D 25 -4.01 -2.80 6.27
CA SER D 25 -3.15 -3.19 5.17
C SER D 25 -1.69 -2.94 5.54
N GLY D 26 -0.85 -3.96 5.35
CA GLY D 26 0.57 -3.84 5.57
C GLY D 26 1.15 -4.92 6.45
N TYR D 27 0.43 -5.30 7.49
CA TYR D 27 0.80 -6.40 8.38
C TYR D 27 -0.26 -7.49 8.31
N THR D 28 -0.12 -8.49 9.17
CA THR D 28 -1.06 -9.60 9.21
C THR D 28 -2.36 -9.12 9.85
N PHE D 29 -3.34 -10.03 9.95
CA PHE D 29 -4.58 -9.74 10.67
C PHE D 29 -4.77 -10.57 11.92
N THR D 30 -4.15 -11.76 12.01
CA THR D 30 -4.19 -12.50 13.27
C THR D 30 -3.49 -11.74 14.38
N GLU D 31 -2.62 -10.79 14.03
CA GLU D 31 -1.95 -9.91 14.99
C GLU D 31 -2.14 -8.48 14.53
N SER D 32 -3.33 -7.92 14.81
CA SER D 32 -3.58 -6.50 14.54
C SER D 32 -4.78 -6.09 15.38
N ILE D 33 -4.53 -5.41 16.49
CA ILE D 33 -5.60 -4.94 17.35
C ILE D 33 -6.17 -3.65 16.77
N ILE D 34 -7.45 -3.40 17.05
CA ILE D 34 -8.17 -2.26 16.49
C ILE D 34 -8.97 -1.57 17.59
N HIS D 35 -8.79 -0.25 17.72
CA HIS D 35 -9.58 0.58 18.60
C HIS D 35 -10.37 1.59 17.77
N TRP D 36 -11.51 2.02 18.31
CA TRP D 36 -12.38 2.96 17.64
C TRP D 36 -12.57 4.20 18.50
N VAL D 37 -12.49 5.38 17.89
CA VAL D 37 -12.70 6.63 18.59
C VAL D 37 -13.64 7.51 17.78
N LYS D 38 -14.32 8.42 18.48
CA LYS D 38 -15.32 9.30 17.90
C LYS D 38 -14.95 10.75 18.16
N GLN D 39 -14.78 11.53 17.09
CA GLN D 39 -14.51 12.96 17.19
C GLN D 39 -15.78 13.71 16.81
N ARG D 40 -16.40 14.34 17.80
CA ARG D 40 -17.59 15.14 17.52
C ARG D 40 -17.18 16.51 17.00
N SER D 41 -18.19 17.34 16.72
CA SER D 41 -17.95 18.67 16.17
C SER D 41 -17.45 19.59 17.28
N GLY D 42 -16.18 19.93 17.25
CA GLY D 42 -15.61 20.88 18.20
C GLY D 42 -14.96 20.31 19.45
N GLN D 43 -15.64 19.39 20.12
CA GLN D 43 -15.16 18.87 21.40
C GLN D 43 -13.96 17.94 21.18
N GLY D 44 -13.50 17.33 22.26
CA GLY D 44 -12.37 16.43 22.20
C GLY D 44 -12.76 15.01 21.84
N LEU D 45 -11.75 14.20 21.56
CA LEU D 45 -11.96 12.83 21.13
C LEU D 45 -12.34 11.94 22.31
N GLU D 46 -12.96 10.82 22.00
CA GLU D 46 -13.37 9.82 22.99
C GLU D 46 -12.68 8.51 22.67
N TRP D 47 -13.06 7.43 23.35
CA TRP D 47 -12.45 6.13 23.10
C TRP D 47 -13.46 5.01 23.31
N ILE D 48 -13.27 3.92 22.56
CA ILE D 48 -14.12 2.75 22.59
C ILE D 48 -13.21 1.51 22.65
N GLY D 49 -13.75 0.41 23.16
CA GLY D 49 -12.98 -0.80 23.35
C GLY D 49 -12.31 -1.39 22.13
N TRP D 50 -11.51 -2.43 22.32
CA TRP D 50 -10.70 -3.02 21.26
C TRP D 50 -11.20 -4.41 20.89
N PHE D 51 -10.73 -4.89 19.73
CA PHE D 51 -11.24 -6.10 19.09
C PHE D 51 -10.09 -6.97 18.59
N TYR D 52 -9.15 -7.31 19.47
CA TYR D 52 -8.03 -8.15 19.06
C TYR D 52 -8.54 -9.44 18.42
N PRO D 53 -8.37 -9.61 17.10
CA PRO D 53 -9.04 -10.72 16.42
C PRO D 53 -8.35 -12.07 16.62
N GLY D 54 -7.03 -12.07 16.74
CA GLY D 54 -6.31 -13.34 16.85
C GLY D 54 -6.75 -14.15 18.06
N SER D 55 -6.83 -13.52 19.22
CA SER D 55 -7.39 -14.15 20.40
C SER D 55 -8.85 -13.78 20.62
N ASP D 56 -9.43 -12.97 19.73
CA ASP D 56 -10.81 -12.52 19.83
C ASP D 56 -11.08 -11.88 21.19
N ASN D 57 -10.11 -11.10 21.68
CA ASN D 57 -10.29 -10.35 22.90
C ASN D 57 -11.08 -9.08 22.61
N ILE D 58 -12.23 -8.95 23.25
CA ILE D 58 -13.15 -7.84 23.00
C ILE D 58 -13.30 -7.05 24.29
N ASN D 59 -13.08 -5.74 24.21
CA ASN D 59 -13.23 -4.85 25.35
C ASN D 59 -14.03 -3.63 24.91
N TYR D 60 -14.84 -3.10 25.83
CA TYR D 60 -15.68 -1.96 25.55
C TYR D 60 -15.54 -0.91 26.65
N ASN D 61 -15.57 0.36 26.23
CA ASN D 61 -15.65 1.45 27.18
C ASN D 61 -17.01 1.45 27.87
N GLU D 62 -17.03 1.93 29.11
CA GLU D 62 -18.27 1.94 29.89
C GLU D 62 -19.33 2.82 29.24
N LYS D 63 -18.93 3.99 28.73
CA LYS D 63 -19.90 4.92 28.16
C LYS D 63 -20.55 4.34 26.91
N PHE D 64 -19.77 3.69 26.05
CA PHE D 64 -20.24 3.20 24.76
C PHE D 64 -20.53 1.71 24.77
N LYS D 65 -21.02 1.18 25.90
CA LYS D 65 -21.30 -0.25 25.99
C LYS D 65 -22.42 -0.67 25.06
N ASP D 66 -23.48 0.13 24.96
CA ASP D 66 -24.70 -0.28 24.30
C ASP D 66 -24.97 0.51 23.02
N LYS D 67 -23.91 0.95 22.34
CA LYS D 67 -24.07 1.62 21.06
C LYS D 67 -23.30 0.95 19.93
N ALA D 68 -22.09 0.49 20.19
CA ALA D 68 -21.23 -0.10 19.17
C ALA D 68 -21.10 -1.60 19.40
N THR D 69 -21.18 -2.36 18.32
CA THR D 69 -20.91 -3.79 18.33
C THR D 69 -19.80 -4.10 17.33
N LEU D 70 -18.77 -4.80 17.78
CA LEU D 70 -17.60 -5.08 16.96
C LEU D 70 -17.63 -6.51 16.47
N THR D 71 -17.36 -6.70 15.17
CA THR D 71 -17.29 -8.05 14.63
C THR D 71 -16.39 -8.04 13.41
N ALA D 72 -15.72 -9.16 13.15
CA ALA D 72 -14.84 -9.23 12.00
C ALA D 72 -14.86 -10.63 11.41
N ASP D 73 -14.58 -10.69 10.12
CA ASP D 73 -14.38 -11.96 9.41
C ASP D 73 -12.95 -12.01 8.93
N LYS D 74 -12.25 -13.09 9.30
CA LYS D 74 -10.84 -13.22 8.94
C LYS D 74 -10.70 -13.74 7.52
N SER D 75 -11.39 -13.08 6.58
CA SER D 75 -11.29 -13.39 5.17
C SER D 75 -10.92 -12.18 4.32
N SER D 76 -11.01 -10.97 4.87
CA SER D 76 -10.63 -9.77 4.15
C SER D 76 -9.86 -8.79 5.04
N SER D 77 -9.53 -9.17 6.28
CA SER D 77 -8.80 -8.31 7.21
C SER D 77 -9.53 -7.00 7.44
N THR D 78 -10.81 -7.09 7.80
CA THR D 78 -11.64 -5.93 8.07
C THR D 78 -12.35 -6.10 9.39
N VAL D 79 -12.55 -4.98 10.08
CA VAL D 79 -13.30 -4.94 11.34
C VAL D 79 -14.51 -4.05 11.13
N TYR D 80 -15.69 -4.55 11.49
CA TYR D 80 -16.95 -3.86 11.31
C TYR D 80 -17.48 -3.39 12.65
N MET D 81 -17.86 -2.12 12.72
CA MET D 81 -18.47 -1.50 13.88
C MET D 81 -19.91 -1.19 13.51
N GLU D 82 -20.85 -1.90 14.14
CA GLU D 82 -22.27 -1.70 13.92
C GLU D 82 -22.80 -0.75 14.97
N LEU D 83 -23.43 0.33 14.52
CA LEU D 83 -23.96 1.36 15.40
C LEU D 83 -25.46 1.21 15.53
N THR D 84 -25.98 1.37 16.74
CA THR D 84 -27.39 1.23 17.04
C THR D 84 -27.95 2.52 17.63
N ARG D 85 -29.27 2.64 17.56
CA ARG D 85 -30.02 3.77 18.15
C ARG D 85 -29.38 5.11 17.83
N LEU D 86 -29.07 5.31 16.55
CA LEU D 86 -28.35 6.51 16.13
C LEU D 86 -29.22 7.75 16.25
N THR D 87 -29.12 8.44 17.38
CA THR D 87 -29.81 9.70 17.57
C THR D 87 -29.06 10.81 16.84
N SER D 88 -29.54 12.04 16.98
CA SER D 88 -28.91 13.18 16.31
C SER D 88 -27.55 13.52 16.89
N GLU D 89 -27.18 12.95 18.04
CA GLU D 89 -25.92 13.27 18.69
C GLU D 89 -24.74 12.48 18.14
N ASP D 90 -24.98 11.53 17.24
CA ASP D 90 -23.91 10.69 16.70
C ASP D 90 -23.35 11.20 15.39
N SER D 91 -23.77 12.37 14.92
CA SER D 91 -23.22 12.93 13.69
C SER D 91 -21.81 13.42 13.93
N ALA D 92 -20.82 12.57 13.69
CA ALA D 92 -19.45 12.89 14.07
C ALA D 92 -18.49 12.08 13.22
N VAL D 93 -17.24 12.54 13.18
CA VAL D 93 -16.21 11.79 12.48
C VAL D 93 -15.83 10.57 13.31
N TYR D 94 -15.56 9.46 12.64
CA TYR D 94 -15.23 8.20 13.29
C TYR D 94 -13.87 7.73 12.80
N PHE D 95 -12.95 7.50 13.75
CA PHE D 95 -11.60 7.06 13.47
C PHE D 95 -11.40 5.64 13.99
N CYS D 96 -10.63 4.84 13.25
CA CYS D 96 -10.17 3.55 13.73
C CYS D 96 -8.65 3.57 13.75
N ALA D 97 -8.07 3.22 14.88
CA ALA D 97 -6.63 3.38 15.08
C ALA D 97 -6.08 2.17 15.82
N SER D 98 -4.76 1.98 15.69
CA SER D 98 -4.07 0.85 16.29
C SER D 98 -2.68 1.30 16.74
N HIS D 99 -2.11 0.54 17.68
CA HIS D 99 -0.76 0.81 18.18
C HIS D 99 0.20 -0.27 17.72
N GLU D 100 1.46 -0.10 18.11
CA GLU D 100 2.51 -1.06 17.75
C GLU D 100 3.08 -1.78 18.96
N GLY D 101 3.56 -1.04 19.96
CA GLY D 101 4.08 -1.65 21.16
C GLY D 101 2.97 -2.05 22.10
N PRO D 102 3.33 -2.83 23.12
CA PRO D 102 2.33 -3.28 24.09
C PRO D 102 1.99 -2.26 25.15
N TYR D 103 1.69 -1.03 24.72
CA TYR D 103 1.28 -0.03 25.72
C TYR D 103 0.00 0.64 25.26
N VAL D 104 -0.10 0.94 23.97
CA VAL D 104 -1.32 1.51 23.38
C VAL D 104 -1.13 3.01 23.19
N TYR D 105 -0.29 3.38 22.25
CA TYR D 105 -0.17 4.75 21.77
C TYR D 105 -0.47 4.78 20.28
N PHE D 106 -1.48 5.55 19.90
CA PHE D 106 -2.08 5.44 18.56
C PHE D 106 -1.14 6.04 17.53
N ASP D 107 -0.40 5.17 16.84
CA ASP D 107 0.51 5.61 15.79
C ASP D 107 -0.06 5.41 14.39
N TYR D 108 -1.03 4.53 14.23
CA TYR D 108 -1.64 4.24 12.93
C TYR D 108 -3.08 4.74 12.97
N TRP D 109 -3.28 5.97 12.48
CA TRP D 109 -4.58 6.63 12.55
C TRP D 109 -5.29 6.49 11.21
N GLY D 110 -6.36 5.71 11.18
CA GLY D 110 -7.12 5.56 9.96
C GLY D 110 -7.89 6.80 9.60
N GLN D 111 -8.19 6.94 8.31
CA GLN D 111 -8.97 8.06 7.84
C GLN D 111 -10.38 8.02 8.43
N GLY D 112 -10.87 9.17 8.85
CA GLY D 112 -12.15 9.26 9.54
C GLY D 112 -13.32 9.32 8.59
N THR D 113 -14.39 8.62 8.96
CA THR D 113 -15.64 8.71 8.22
C THR D 113 -16.50 9.83 8.81
N THR D 114 -17.43 10.33 8.01
CA THR D 114 -18.14 11.56 8.35
C THR D 114 -19.62 11.28 8.53
N LEU D 115 -19.95 10.26 9.32
CA LEU D 115 -21.33 9.87 9.57
C LEU D 115 -22.14 11.03 10.11
N THR D 116 -23.32 11.24 9.53
CA THR D 116 -24.29 12.24 9.97
C THR D 116 -25.66 11.60 10.09
N VAL D 117 -26.41 12.02 11.11
CA VAL D 117 -27.73 11.46 11.40
C VAL D 117 -28.76 12.55 11.24
N SER D 118 -29.76 12.31 10.39
CA SER D 118 -30.83 13.27 10.15
C SER D 118 -32.01 12.54 9.54
N SER D 119 -33.18 13.17 9.62
CA SER D 119 -34.39 12.61 9.05
C SER D 119 -34.63 13.03 7.61
N ALA D 120 -33.81 13.94 7.07
CA ALA D 120 -33.98 14.43 5.71
C ALA D 120 -33.38 13.43 4.72
N SER D 121 -33.26 13.84 3.47
CA SER D 121 -32.70 13.01 2.42
C SER D 121 -31.55 13.73 1.75
N THR D 122 -30.71 12.97 1.05
CA THR D 122 -29.56 13.54 0.37
C THR D 122 -30.00 14.36 -0.82
N LYS D 123 -29.08 15.21 -1.30
CA LYS D 123 -29.34 16.07 -2.44
C LYS D 123 -28.02 16.39 -3.12
N GLY D 124 -27.99 16.24 -4.44
CA GLY D 124 -26.79 16.51 -5.21
C GLY D 124 -26.44 17.99 -5.21
N PRO D 125 -25.14 18.29 -5.24
CA PRO D 125 -24.71 19.69 -5.20
C PRO D 125 -24.82 20.36 -6.56
N SER D 126 -24.92 21.69 -6.51
CA SER D 126 -24.89 22.53 -7.70
C SER D 126 -23.53 23.23 -7.75
N VAL D 127 -22.88 23.17 -8.90
CA VAL D 127 -21.46 23.52 -8.98
C VAL D 127 -21.31 24.74 -9.89
N PHE D 128 -22.26 25.66 -9.80
CA PHE D 128 -22.23 26.93 -10.53
C PHE D 128 -20.83 27.54 -10.54
N PRO D 129 -20.25 27.76 -11.72
CA PRO D 129 -18.92 28.35 -11.79
C PRO D 129 -18.93 29.82 -11.42
N LEU D 130 -17.75 30.33 -11.10
CA LEU D 130 -17.56 31.73 -10.75
C LEU D 130 -16.65 32.41 -11.76
N ALA D 131 -16.91 33.69 -11.99
CA ALA D 131 -16.21 34.46 -13.01
C ALA D 131 -14.94 35.08 -12.43
N PRO D 132 -13.79 34.87 -13.05
CA PRO D 132 -12.56 35.49 -12.55
C PRO D 132 -12.58 36.99 -12.74
N SER D 133 -11.73 37.67 -11.96
CA SER D 133 -11.66 39.14 -11.98
C SER D 133 -10.84 39.59 -13.19
N SER D 134 -11.39 39.33 -14.37
CA SER D 134 -10.76 39.82 -15.60
C SER D 134 -10.75 41.35 -15.64
N LYS D 135 -11.83 41.98 -15.20
CA LYS D 135 -11.87 43.44 -15.12
C LYS D 135 -10.85 43.96 -14.12
N SER D 136 -10.71 43.29 -12.98
CA SER D 136 -9.75 43.68 -11.95
C SER D 136 -8.38 43.07 -12.20
N THR D 137 -7.84 43.32 -13.40
CA THR D 137 -6.52 42.80 -13.77
C THR D 137 -5.41 43.54 -13.04
N SER D 138 -5.67 44.75 -12.53
CA SER D 138 -4.65 45.52 -11.85
C SER D 138 -4.09 44.78 -10.64
N GLY D 139 -4.93 44.01 -9.94
CA GLY D 139 -4.44 43.22 -8.83
C GLY D 139 -3.44 42.16 -9.24
N GLY D 140 -3.62 41.57 -10.42
CA GLY D 140 -2.72 40.56 -10.92
C GLY D 140 -2.93 39.17 -10.38
N THR D 141 -3.88 38.98 -9.47
CA THR D 141 -4.18 37.70 -8.84
C THR D 141 -5.66 37.43 -8.85
N ALA D 142 -6.27 37.57 -10.03
CA ALA D 142 -7.71 37.37 -10.17
C ALA D 142 -8.10 35.97 -9.72
N ALA D 143 -9.14 35.91 -8.88
CA ALA D 143 -9.56 34.67 -8.24
C ALA D 143 -10.78 34.10 -8.94
N LEU D 144 -10.82 32.76 -9.03
CA LEU D 144 -11.95 32.06 -9.61
C LEU D 144 -12.31 30.89 -8.72
N GLY D 145 -13.61 30.56 -8.69
CA GLY D 145 -14.08 29.52 -7.79
C GLY D 145 -15.19 28.67 -8.34
N CYS D 146 -15.83 27.89 -7.45
CA CYS D 146 -16.93 27.01 -7.82
C CYS D 146 -17.94 27.02 -6.67
N LEU D 147 -19.03 27.74 -6.83
CA LEU D 147 -19.98 27.92 -5.74
C LEU D 147 -20.80 26.66 -5.53
N VAL D 148 -20.30 25.75 -4.70
CA VAL D 148 -21.07 24.56 -4.35
C VAL D 148 -22.29 24.99 -3.54
N LYS D 149 -23.47 24.66 -4.04
CA LYS D 149 -24.73 25.18 -3.50
C LYS D 149 -25.73 24.05 -3.34
N ASP D 150 -26.42 24.06 -2.19
CA ASP D 150 -27.60 23.24 -1.95
C ASP D 150 -27.28 21.74 -1.97
N TYR D 151 -26.32 21.34 -1.15
CA TYR D 151 -26.03 19.93 -0.90
C TYR D 151 -26.27 19.66 0.58
N PHE D 152 -27.06 18.62 0.87
CA PHE D 152 -27.43 18.39 2.26
C PHE D 152 -26.34 17.69 3.08
N PRO D 153 -25.79 16.54 2.65
CA PRO D 153 -24.81 15.85 3.49
C PRO D 153 -23.56 16.69 3.68
N GLU D 154 -23.16 16.84 4.94
CA GLU D 154 -21.99 17.66 5.26
C GLU D 154 -20.72 17.23 4.55
N PRO D 155 -20.37 15.93 4.45
CA PRO D 155 -19.16 15.55 3.71
C PRO D 155 -19.17 16.03 2.28
N VAL D 156 -18.19 16.86 1.91
CA VAL D 156 -18.06 17.39 0.56
C VAL D 156 -16.59 17.60 0.28
N THR D 157 -16.17 17.30 -0.95
CA THR D 157 -14.77 17.40 -1.36
C THR D 157 -14.70 18.20 -2.65
N VAL D 158 -14.10 19.39 -2.58
CA VAL D 158 -13.91 20.21 -3.76
C VAL D 158 -12.43 20.20 -4.15
N SER D 159 -12.05 19.27 -5.02
CA SER D 159 -10.69 19.21 -5.50
C SER D 159 -10.53 20.12 -6.71
N TRP D 160 -9.40 20.83 -6.75
CA TRP D 160 -9.14 21.83 -7.77
C TRP D 160 -8.10 21.30 -8.74
N ASN D 161 -8.45 21.30 -10.04
CA ASN D 161 -7.60 20.79 -11.11
C ASN D 161 -7.22 19.32 -10.86
N SER D 162 -8.15 18.56 -10.28
CA SER D 162 -7.94 17.15 -9.96
C SER D 162 -6.68 16.96 -9.10
N GLY D 163 -6.49 17.87 -8.14
CA GLY D 163 -5.36 17.80 -7.24
C GLY D 163 -4.06 18.37 -7.77
N ALA D 164 -4.05 18.89 -9.00
CA ALA D 164 -2.81 19.42 -9.56
C ALA D 164 -2.46 20.77 -8.94
N LEU D 165 -3.46 21.60 -8.67
CA LEU D 165 -3.25 22.94 -8.12
C LEU D 165 -3.90 23.02 -6.74
N THR D 166 -3.07 23.08 -5.70
CA THR D 166 -3.54 23.24 -4.33
C THR D 166 -2.79 24.34 -3.60
N SER D 167 -2.22 25.30 -4.33
CA SER D 167 -1.52 26.43 -3.73
C SER D 167 -2.45 27.63 -3.73
N GLY D 168 -2.73 28.16 -2.54
CA GLY D 168 -3.65 29.27 -2.39
C GLY D 168 -5.11 28.89 -2.42
N VAL D 169 -5.43 27.61 -2.52
CA VAL D 169 -6.82 27.18 -2.60
C VAL D 169 -7.50 27.38 -1.26
N HIS D 170 -8.66 28.03 -1.26
CA HIS D 170 -9.47 28.23 -0.08
C HIS D 170 -10.78 27.46 -0.21
N THR D 171 -11.19 26.83 0.88
CA THR D 171 -12.31 25.89 0.88
C THR D 171 -13.23 26.21 2.06
N PHE D 172 -13.68 27.46 2.12
CA PHE D 172 -14.48 28.04 3.21
C PHE D 172 -15.47 27.03 3.78
N PRO D 173 -15.56 26.92 5.11
CA PRO D 173 -16.53 25.99 5.71
C PRO D 173 -17.94 26.33 5.28
N ALA D 174 -18.76 25.29 5.11
CA ALA D 174 -20.10 25.48 4.59
C ALA D 174 -20.97 26.27 5.56
N VAL D 175 -21.95 26.96 4.99
CA VAL D 175 -22.91 27.73 5.76
C VAL D 175 -24.21 26.96 5.84
N LEU D 176 -25.11 27.40 6.71
CA LEU D 176 -26.43 26.80 6.87
C LEU D 176 -27.45 27.77 6.28
N GLN D 177 -27.74 27.58 4.99
CA GLN D 177 -28.68 28.46 4.31
C GLN D 177 -30.09 28.28 4.88
N SER D 178 -30.97 29.23 4.54
CA SER D 178 -32.33 29.20 5.05
C SER D 178 -33.07 27.94 4.60
N SER D 179 -32.81 27.47 3.38
CA SER D 179 -33.46 26.26 2.89
C SER D 179 -33.03 25.02 3.65
N GLY D 180 -31.93 25.08 4.38
CA GLY D 180 -31.44 23.94 5.14
C GLY D 180 -30.38 23.11 4.47
N LEU D 181 -29.83 23.57 3.34
CA LEU D 181 -28.81 22.84 2.60
C LEU D 181 -27.52 23.63 2.62
N TYR D 182 -26.41 22.95 2.95
CA TYR D 182 -25.13 23.62 3.09
C TYR D 182 -24.62 24.11 1.74
N SER D 183 -23.67 25.05 1.80
CA SER D 183 -23.09 25.62 0.60
C SER D 183 -21.74 26.23 0.95
N LEU D 184 -20.77 26.04 0.06
CA LEU D 184 -19.42 26.59 0.23
C LEU D 184 -19.05 27.40 -1.00
N SER D 185 -17.93 28.12 -0.90
CA SER D 185 -17.52 29.07 -1.92
C SER D 185 -16.03 28.91 -2.21
N SER D 186 -15.61 27.67 -2.49
CA SER D 186 -14.21 27.40 -2.79
C SER D 186 -13.72 28.27 -3.94
N VAL D 187 -12.55 28.87 -3.75
CA VAL D 187 -12.00 29.83 -4.71
C VAL D 187 -10.48 29.82 -4.58
N VAL D 188 -9.80 29.93 -5.72
CA VAL D 188 -8.34 29.99 -5.77
C VAL D 188 -7.93 31.22 -6.56
N THR D 189 -6.86 31.88 -6.11
CA THR D 189 -6.35 33.09 -6.75
C THR D 189 -5.20 32.67 -7.66
N VAL D 190 -5.52 32.46 -8.94
CA VAL D 190 -4.53 32.07 -9.94
C VAL D 190 -3.85 33.32 -10.48
N PRO D 191 -2.62 33.23 -10.99
CA PRO D 191 -2.00 34.40 -11.60
C PRO D 191 -2.78 34.89 -12.81
N SER D 192 -2.78 36.22 -12.98
CA SER D 192 -3.52 36.82 -14.09
C SER D 192 -2.96 36.39 -15.44
N SER D 193 -1.63 36.31 -15.55
CA SER D 193 -1.02 35.95 -16.83
C SER D 193 -1.39 34.53 -17.23
N SER D 194 -1.38 33.59 -16.29
CA SER D 194 -1.71 32.19 -16.58
C SER D 194 -3.20 31.92 -16.55
N LEU D 195 -4.03 32.92 -16.25
CA LEU D 195 -5.47 32.71 -16.17
C LEU D 195 -6.05 32.30 -17.51
N GLY D 196 -5.63 32.97 -18.59
CA GLY D 196 -6.22 32.73 -19.89
C GLY D 196 -5.60 31.58 -20.66
N THR D 197 -4.39 31.18 -20.30
CA THR D 197 -3.64 30.17 -21.04
C THR D 197 -3.50 28.87 -20.24
N GLN D 198 -4.49 28.57 -19.41
CA GLN D 198 -4.47 27.33 -18.63
C GLN D 198 -5.88 27.02 -18.15
N THR D 199 -6.20 25.73 -18.08
CA THR D 199 -7.50 25.30 -17.60
C THR D 199 -7.49 25.21 -16.07
N TYR D 200 -8.58 25.67 -15.46
CA TYR D 200 -8.74 25.68 -14.02
C TYR D 200 -10.02 24.95 -13.62
N ILE D 201 -10.19 23.75 -14.18
CA ILE D 201 -11.36 22.94 -13.87
C ILE D 201 -11.39 22.59 -12.39
N CYS D 202 -12.60 22.49 -11.83
CA CYS D 202 -12.81 22.07 -10.46
C CYS D 202 -13.68 20.83 -10.43
N ASN D 203 -13.51 20.02 -9.39
CA ASN D 203 -14.15 18.71 -9.28
C ASN D 203 -14.79 18.57 -7.90
N VAL D 204 -16.11 18.51 -7.86
CA VAL D 204 -16.85 18.29 -6.63
C VAL D 204 -17.21 16.81 -6.55
N ASN D 205 -16.71 16.13 -5.52
CA ASN D 205 -16.93 14.70 -5.34
C ASN D 205 -17.81 14.53 -4.11
N HIS D 206 -19.12 14.56 -4.31
CA HIS D 206 -20.08 14.42 -3.22
C HIS D 206 -20.41 12.94 -3.06
N LYS D 207 -19.70 12.27 -2.16
CA LYS D 207 -19.84 10.82 -2.02
C LYS D 207 -21.21 10.36 -1.56
N PRO D 208 -21.84 10.96 -0.52
CA PRO D 208 -23.10 10.38 -0.01
C PRO D 208 -24.19 10.24 -1.06
N SER D 209 -24.31 11.20 -1.98
CA SER D 209 -25.28 11.10 -3.05
C SER D 209 -24.70 10.48 -4.31
N ASN D 210 -23.48 9.95 -4.24
CA ASN D 210 -22.76 9.36 -5.36
C ASN D 210 -22.54 10.34 -6.51
N THR D 211 -22.76 11.62 -6.28
CA THR D 211 -22.63 12.62 -7.33
C THR D 211 -21.18 13.05 -7.49
N LYS D 212 -20.70 13.02 -8.72
CA LYS D 212 -19.39 13.57 -9.07
C LYS D 212 -19.58 14.57 -10.19
N VAL D 213 -19.01 15.76 -10.02
CA VAL D 213 -19.20 16.86 -10.96
C VAL D 213 -17.85 17.27 -11.53
N ASP D 214 -17.82 17.57 -12.82
CA ASP D 214 -16.60 17.97 -13.50
C ASP D 214 -16.81 19.31 -14.18
N LYS D 215 -17.38 20.27 -13.45
CA LYS D 215 -17.71 21.56 -14.02
C LYS D 215 -16.46 22.31 -14.44
N LYS D 216 -16.54 22.99 -15.58
CA LYS D 216 -15.44 23.77 -16.13
C LYS D 216 -15.66 25.25 -15.89
N VAL D 217 -14.56 25.97 -15.63
CA VAL D 217 -14.59 27.40 -15.38
C VAL D 217 -13.66 28.08 -16.38
N GLU D 218 -14.16 29.10 -17.06
CA GLU D 218 -13.39 29.84 -18.04
C GLU D 218 -13.90 31.27 -18.07
N PRO D 219 -13.02 32.25 -18.30
CA PRO D 219 -13.47 33.64 -18.39
C PRO D 219 -14.36 33.85 -19.61
N LYS D 220 -15.27 34.82 -19.49
CA LYS D 220 -16.22 35.15 -20.54
C LYS D 220 -16.15 36.64 -20.85
N SER D 221 -16.60 36.99 -22.05
CA SER D 221 -16.61 38.38 -22.47
C SER D 221 -17.94 38.74 -23.14
N ILE E 2 -11.76 7.68 35.63
CA ILE E 2 -10.62 8.59 35.44
C ILE E 2 -10.92 9.54 34.28
N VAL E 3 -10.47 10.78 34.43
CA VAL E 3 -10.67 11.82 33.41
C VAL E 3 -9.39 12.63 33.29
N MET E 4 -9.02 12.95 32.05
CA MET E 4 -7.83 13.73 31.75
C MET E 4 -8.25 15.06 31.16
N THR E 5 -7.96 16.15 31.86
CA THR E 5 -8.41 17.48 31.46
C THR E 5 -7.23 18.44 31.36
N GLN E 6 -7.26 19.28 30.33
CA GLN E 6 -6.31 20.37 30.21
C GLN E 6 -6.79 21.57 31.03
N SER E 7 -6.04 22.67 30.97
CA SER E 7 -6.33 23.84 31.80
C SER E 7 -6.87 25.01 30.99
N HIS E 8 -6.13 25.47 29.98
CA HIS E 8 -6.58 26.55 29.10
C HIS E 8 -6.87 25.99 27.71
N LYS E 9 -7.70 26.72 26.97
CA LYS E 9 -8.17 26.25 25.67
C LYS E 9 -7.60 27.01 24.48
N PHE E 10 -7.05 28.20 24.69
CA PHE E 10 -6.74 29.10 23.58
C PHE E 10 -5.36 29.77 23.77
N MET E 11 -4.32 28.97 23.99
CA MET E 11 -2.96 29.51 23.91
C MET E 11 -2.79 30.40 22.69
N SER E 12 -2.46 31.66 22.93
CA SER E 12 -2.12 32.61 21.88
C SER E 12 -0.64 32.94 21.97
N THR E 13 0.03 32.94 20.82
CA THR E 13 1.47 33.13 20.79
C THR E 13 1.86 33.74 19.45
N SER E 14 3.16 33.77 19.17
CA SER E 14 3.68 34.32 17.93
C SER E 14 4.83 33.43 17.48
N VAL E 15 5.61 33.93 16.53
CA VAL E 15 6.79 33.23 16.05
C VAL E 15 7.96 33.57 16.97
N GLY E 16 8.60 32.54 17.53
CA GLY E 16 9.73 32.71 18.39
C GLY E 16 9.43 32.60 19.88
N ASP E 17 8.16 32.69 20.27
CA ASP E 17 7.80 32.53 21.67
C ASP E 17 7.70 31.05 22.02
N ARG E 18 7.38 30.77 23.28
CA ARG E 18 7.27 29.41 23.77
C ARG E 18 5.89 29.19 24.37
N VAL E 19 5.26 28.08 24.01
CA VAL E 19 3.95 27.72 24.53
C VAL E 19 4.14 26.61 25.54
N SER E 20 3.22 26.53 26.51
CA SER E 20 3.34 25.61 27.64
C SER E 20 2.01 24.91 27.89
N ILE E 21 1.43 24.31 26.85
CA ILE E 21 0.19 23.55 26.97
C ILE E 21 0.30 22.56 28.11
N THR E 22 -0.60 22.65 29.07
CA THR E 22 -0.57 21.79 30.25
C THR E 22 -1.54 20.63 30.12
N CYS E 23 -1.40 19.67 31.03
CA CYS E 23 -2.32 18.54 31.09
C CYS E 23 -2.24 17.96 32.50
N LYS E 24 -3.38 17.89 33.18
CA LYS E 24 -3.44 17.44 34.56
C LYS E 24 -4.43 16.29 34.67
N ALA E 25 -3.96 15.14 35.15
CA ALA E 25 -4.79 13.96 35.26
C ALA E 25 -5.73 14.08 36.47
N SER E 26 -6.53 13.04 36.69
CA SER E 26 -7.40 12.96 37.84
C SER E 26 -6.90 12.01 38.91
N GLN E 27 -5.88 11.20 38.60
CA GLN E 27 -5.29 10.28 39.56
C GLN E 27 -3.77 10.38 39.42
N ASP E 28 -3.07 9.49 40.10
CA ASP E 28 -1.62 9.39 39.95
C ASP E 28 -1.33 8.57 38.71
N VAL E 29 -1.11 9.25 37.59
CA VAL E 29 -0.99 8.58 36.30
C VAL E 29 0.49 8.33 36.01
N SER E 30 1.33 8.50 37.03
CA SER E 30 2.77 8.20 36.93
C SER E 30 3.40 8.89 35.73
N THR E 31 3.82 8.11 34.72
CA THR E 31 4.54 8.64 33.58
C THR E 31 3.88 8.26 32.25
N ALA E 32 2.56 8.11 32.21
CA ALA E 32 1.85 7.71 31.01
C ALA E 32 1.07 8.90 30.45
N VAL E 33 1.47 9.39 29.28
CA VAL E 33 0.73 10.41 28.57
C VAL E 33 1.25 10.45 27.14
N ALA E 34 0.36 10.80 26.21
CA ALA E 34 0.72 10.97 24.80
C ALA E 34 0.09 12.25 24.27
N TRP E 35 0.80 12.92 23.37
CA TRP E 35 0.38 14.21 22.84
C TRP E 35 0.07 14.08 21.35
N TYR E 36 -1.10 14.58 20.98
CA TYR E 36 -1.49 14.46 19.56
C TYR E 36 -1.73 15.83 18.95
N GLN E 37 -1.30 16.02 17.74
CA GLN E 37 -1.55 17.20 16.92
C GLN E 37 -2.65 16.87 15.92
N GLN E 38 -3.67 17.72 15.84
CA GLN E 38 -4.91 17.39 15.15
C GLN E 38 -5.32 18.53 14.22
N LYS E 39 -4.41 18.91 13.32
CA LYS E 39 -4.73 19.88 12.26
C LYS E 39 -6.11 19.59 11.68
N PRO E 40 -7.03 20.54 11.75
CA PRO E 40 -8.43 20.25 11.39
C PRO E 40 -8.57 19.77 9.95
N GLY E 41 -9.47 18.82 9.76
CA GLY E 41 -9.68 18.22 8.46
C GLY E 41 -9.00 16.88 8.32
N GLN E 42 -7.78 16.77 8.83
CA GLN E 42 -7.01 15.54 8.76
C GLN E 42 -7.22 14.72 10.03
N SER E 43 -6.42 13.68 10.22
CA SER E 43 -6.49 12.78 11.35
C SER E 43 -5.38 13.05 12.35
N PRO E 44 -5.62 12.76 13.63
CA PRO E 44 -4.60 13.03 14.65
C PRO E 44 -3.28 12.36 14.34
N LYS E 45 -2.20 13.05 14.68
CA LYS E 45 -0.85 12.50 14.64
C LYS E 45 -0.36 12.24 16.05
N LEU E 46 0.75 11.52 16.14
CA LEU E 46 1.42 11.25 17.41
C LEU E 46 2.61 12.17 17.56
N LEU E 47 2.67 12.90 18.68
CA LEU E 47 3.83 13.74 18.97
C LEU E 47 4.76 13.11 20.00
N ILE E 48 4.25 12.82 21.20
CA ILE E 48 5.05 12.38 22.33
C ILE E 48 4.38 11.18 22.98
N TYR E 49 5.19 10.33 23.61
CA TYR E 49 4.68 9.30 24.51
C TYR E 49 5.67 9.12 25.65
N TRP E 50 5.18 8.54 26.75
CA TRP E 50 5.94 8.35 27.98
C TRP E 50 6.42 9.66 28.60
N THR E 51 5.76 10.76 28.23
CA THR E 51 5.90 12.09 28.82
C THR E 51 7.22 12.74 28.44
N SER E 52 8.15 11.98 27.88
CA SER E 52 9.42 12.57 27.45
C SER E 52 10.02 11.93 26.20
N THR E 53 9.37 10.94 25.59
CA THR E 53 9.96 10.23 24.47
C THR E 53 9.41 10.82 23.18
N ARG E 54 10.30 11.41 22.38
CA ARG E 54 9.91 12.02 21.12
C ARG E 54 9.69 10.92 20.09
N HIS E 55 8.48 10.87 19.53
CA HIS E 55 8.17 9.87 18.51
C HIS E 55 8.98 10.12 17.25
N THR E 56 9.26 9.05 16.52
CA THR E 56 10.09 9.14 15.33
C THR E 56 9.46 10.07 14.30
N GLY E 57 10.25 11.01 13.78
CA GLY E 57 9.81 11.87 12.71
C GLY E 57 9.47 13.28 13.11
N VAL E 58 8.78 13.45 14.24
CA VAL E 58 8.33 14.77 14.67
C VAL E 58 9.54 15.61 15.06
N PRO E 59 9.47 16.93 14.91
CA PRO E 59 10.67 17.76 15.12
C PRO E 59 11.12 17.75 16.58
N ASP E 60 12.38 18.14 16.78
CA ASP E 60 12.98 18.14 18.09
C ASP E 60 12.38 19.17 19.03
N ARG E 61 11.72 20.20 18.49
CA ARG E 61 11.19 21.27 19.33
C ARG E 61 9.98 20.85 20.13
N PHE E 62 9.30 19.78 19.74
CA PHE E 62 8.11 19.32 20.47
C PHE E 62 8.49 18.51 21.69
N THR E 63 9.37 19.03 22.53
CA THR E 63 9.86 18.24 23.66
C THR E 63 8.83 18.20 24.78
N GLY E 64 8.57 17.00 25.28
CA GLY E 64 7.73 16.86 26.45
C GLY E 64 8.53 17.10 27.73
N SER E 65 7.80 17.23 28.82
CA SER E 65 8.42 17.47 30.11
C SER E 65 7.42 17.11 31.20
N GLY E 66 7.76 17.43 32.45
CA GLY E 66 6.89 17.16 33.57
C GLY E 66 6.91 15.71 33.99
N SER E 67 6.33 15.46 35.15
CA SER E 67 6.24 14.11 35.70
C SER E 67 5.12 14.09 36.72
N GLY E 68 4.67 12.88 37.06
CA GLY E 68 3.62 12.73 38.05
C GLY E 68 2.24 13.00 37.50
N THR E 69 1.66 14.14 37.88
CA THR E 69 0.30 14.48 37.48
C THR E 69 0.19 15.75 36.66
N ASP E 70 1.29 16.47 36.43
CA ASP E 70 1.29 17.71 35.67
C ASP E 70 2.27 17.58 34.51
N TYR E 71 1.75 17.58 33.29
CA TYR E 71 2.54 17.36 32.09
C TYR E 71 2.45 18.60 31.20
N THR E 72 3.49 18.83 30.40
CA THR E 72 3.60 20.09 29.68
C THR E 72 4.37 19.89 28.37
N LEU E 73 3.67 19.97 27.25
CA LEU E 73 4.32 20.12 25.96
C LEU E 73 4.84 21.54 25.81
N THR E 74 5.83 21.72 24.93
CA THR E 74 6.34 23.06 24.67
C THR E 74 6.95 23.11 23.28
N ILE E 75 6.93 24.30 22.69
CA ILE E 75 7.59 24.58 21.42
C ILE E 75 8.40 25.86 21.60
N SER E 76 9.73 25.75 21.42
CA SER E 76 10.60 26.90 21.64
C SER E 76 10.83 27.73 20.39
N SER E 77 10.42 27.24 19.22
CA SER E 77 10.65 27.93 17.95
C SER E 77 9.39 27.86 17.10
N VAL E 78 8.26 28.27 17.67
CA VAL E 78 6.95 28.12 17.04
C VAL E 78 6.94 28.71 15.64
N GLN E 79 6.69 27.86 14.64
CA GLN E 79 6.58 28.29 13.26
C GLN E 79 5.12 28.39 12.86
N ALA E 80 4.86 28.65 11.58
CA ALA E 80 3.49 28.82 11.11
C ALA E 80 2.70 27.53 11.27
N GLU E 81 3.30 26.39 10.96
CA GLU E 81 2.57 25.12 10.96
C GLU E 81 2.54 24.50 12.36
N ASP E 82 2.12 25.28 13.35
CA ASP E 82 1.88 24.79 14.71
C ASP E 82 0.46 25.08 15.15
N LEU E 83 -0.48 25.08 14.21
CA LEU E 83 -1.86 25.48 14.43
C LEU E 83 -2.72 24.24 14.37
N ALA E 84 -3.12 23.73 15.53
CA ALA E 84 -3.92 22.51 15.61
C ALA E 84 -4.53 22.41 17.01
N LEU E 85 -5.13 21.26 17.30
CA LEU E 85 -5.72 20.99 18.60
C LEU E 85 -4.94 19.85 19.24
N TYR E 86 -4.06 20.18 20.18
CA TYR E 86 -3.23 19.18 20.84
C TYR E 86 -3.98 18.51 21.98
N TYR E 87 -3.89 17.19 22.06
CA TYR E 87 -4.56 16.41 23.09
C TYR E 87 -3.56 15.58 23.88
N CYS E 88 -3.94 15.20 25.09
CA CYS E 88 -3.11 14.37 25.96
C CYS E 88 -3.90 13.14 26.41
N GLN E 89 -3.20 11.99 26.48
CA GLN E 89 -3.90 10.74 26.82
C GLN E 89 -3.09 9.91 27.76
N HIS E 90 -3.73 9.08 28.56
CA HIS E 90 -3.12 8.17 29.52
C HIS E 90 -3.30 6.73 29.05
N HIS E 91 -2.58 5.80 29.66
CA HIS E 91 -2.55 4.40 29.22
C HIS E 91 -2.85 3.41 30.34
N TYR E 92 -3.73 3.73 31.29
CA TYR E 92 -3.93 2.87 32.45
C TYR E 92 -5.31 2.21 32.50
N SER E 93 -6.38 2.98 32.54
CA SER E 93 -7.69 2.39 32.77
C SER E 93 -8.21 1.75 31.50
N THR E 94 -9.23 0.90 31.65
CA THR E 94 -9.95 0.45 30.48
C THR E 94 -10.62 1.60 29.73
N PRO E 95 -11.29 2.55 30.39
CA PRO E 95 -11.80 3.73 29.66
C PRO E 95 -10.74 4.80 29.43
N TYR E 96 -9.96 4.68 28.37
CA TYR E 96 -9.07 5.76 27.96
C TYR E 96 -9.87 7.03 27.74
N THR E 97 -9.37 8.14 28.28
CA THR E 97 -10.06 9.42 28.21
C THR E 97 -9.08 10.50 27.76
N PHE E 98 -9.49 11.30 26.79
CA PHE E 98 -8.75 12.48 26.38
C PHE E 98 -9.35 13.69 27.08
N GLY E 99 -8.93 14.89 26.66
CA GLY E 99 -9.46 16.13 27.19
C GLY E 99 -9.96 17.03 26.08
N GLY E 100 -9.98 18.32 26.39
CA GLY E 100 -10.34 19.32 25.41
C GLY E 100 -9.20 19.58 24.45
N GLY E 101 -9.47 20.48 23.51
CA GLY E 101 -8.47 20.81 22.51
C GLY E 101 -7.83 22.16 22.74
N THR E 102 -6.61 22.17 23.26
CA THR E 102 -5.87 23.40 23.46
C THR E 102 -5.34 23.86 22.10
N LYS E 103 -6.03 24.82 21.50
CA LYS E 103 -5.72 25.26 20.14
C LYS E 103 -4.75 26.43 20.19
N LEU E 104 -3.61 26.27 19.53
CA LEU E 104 -2.67 27.36 19.36
C LEU E 104 -3.19 28.33 18.30
N GLU E 105 -2.78 29.60 18.43
CA GLU E 105 -3.13 30.59 17.44
C GLU E 105 -2.02 31.65 17.39
N ILE E 106 -1.53 31.92 16.19
CA ILE E 106 -0.39 32.80 15.98
C ILE E 106 -0.89 34.22 15.73
N GLN E 107 -0.23 35.20 16.32
CA GLN E 107 -0.54 36.59 16.09
C GLN E 107 0.61 37.27 15.35
N ARG E 108 0.27 38.22 14.49
CA ARG E 108 1.23 38.85 13.59
C ARG E 108 0.86 40.31 13.43
N THR E 109 1.45 40.98 12.44
CA THR E 109 1.19 42.38 12.18
C THR E 109 -0.14 42.54 11.44
N VAL E 110 -0.41 43.78 11.00
CA VAL E 110 -1.65 44.04 10.28
C VAL E 110 -1.56 43.54 8.85
N ALA E 111 -2.73 43.29 8.25
CA ALA E 111 -2.82 42.78 6.88
C ALA E 111 -3.83 43.61 6.10
N ALA E 112 -3.61 43.70 4.78
CA ALA E 112 -4.49 44.46 3.92
C ALA E 112 -5.42 43.52 3.18
N PRO E 113 -6.72 43.52 3.47
CA PRO E 113 -7.63 42.61 2.78
C PRO E 113 -7.76 42.96 1.30
N SER E 114 -7.70 41.93 0.46
CA SER E 114 -8.01 42.10 -0.96
C SER E 114 -9.47 41.73 -1.20
N VAL E 115 -10.23 42.65 -1.79
CA VAL E 115 -11.65 42.49 -2.00
C VAL E 115 -11.90 42.09 -3.45
N PHE E 116 -12.59 40.98 -3.64
CA PHE E 116 -12.92 40.48 -4.97
C PHE E 116 -14.43 40.34 -5.10
N ILE E 117 -14.97 40.86 -6.20
CA ILE E 117 -16.40 40.80 -6.51
C ILE E 117 -16.56 40.39 -7.97
N PHE E 118 -17.57 39.56 -8.23
CA PHE E 118 -17.86 39.11 -9.59
C PHE E 118 -19.29 38.58 -9.69
N PRO E 119 -19.95 38.79 -10.83
CA PRO E 119 -21.37 38.44 -10.95
C PRO E 119 -21.56 36.94 -11.01
N PRO E 120 -22.80 36.45 -10.83
CA PRO E 120 -23.06 35.01 -10.96
C PRO E 120 -22.95 34.53 -12.39
N SER E 121 -23.23 33.25 -12.61
CA SER E 121 -23.20 32.66 -13.94
C SER E 121 -24.59 32.67 -14.56
N ASP E 122 -24.63 32.64 -15.89
CA ASP E 122 -25.89 32.75 -16.60
C ASP E 122 -26.81 31.58 -16.30
N GLU E 123 -26.27 30.36 -16.28
CA GLU E 123 -27.10 29.20 -15.98
C GLU E 123 -27.60 29.23 -14.54
N GLN E 124 -26.84 29.84 -13.63
CA GLN E 124 -27.34 30.02 -12.27
C GLN E 124 -28.55 30.96 -12.25
N LEU E 125 -28.49 32.03 -13.04
CA LEU E 125 -29.65 32.91 -13.17
C LEU E 125 -30.83 32.17 -13.76
N LYS E 126 -30.58 31.32 -14.77
CA LYS E 126 -31.64 30.51 -15.34
C LYS E 126 -32.21 29.54 -14.31
N SER E 127 -31.39 29.11 -13.34
CA SER E 127 -31.87 28.18 -12.33
C SER E 127 -32.97 28.79 -11.47
N GLY E 128 -32.80 30.05 -11.07
CA GLY E 128 -33.83 30.72 -10.29
C GLY E 128 -33.33 31.59 -9.16
N THR E 129 -32.10 31.36 -8.70
CA THR E 129 -31.53 32.11 -7.59
C THR E 129 -30.11 32.53 -7.94
N ALA E 130 -29.81 33.81 -7.78
CA ALA E 130 -28.49 34.35 -8.12
C ALA E 130 -27.59 34.36 -6.89
N SER E 131 -26.34 34.77 -7.09
CA SER E 131 -25.38 34.88 -6.00
C SER E 131 -24.31 35.88 -6.40
N VAL E 132 -23.99 36.80 -5.48
CA VAL E 132 -23.11 37.93 -5.80
C VAL E 132 -21.90 37.87 -4.87
N VAL E 133 -21.45 36.65 -4.57
CA VAL E 133 -20.43 36.39 -3.55
C VAL E 133 -19.27 37.38 -3.62
N CYS E 134 -18.93 37.96 -2.47
CA CYS E 134 -17.83 38.91 -2.33
C CYS E 134 -16.83 38.32 -1.35
N LEU E 135 -15.56 38.25 -1.74
CA LEU E 135 -14.57 37.57 -0.93
C LEU E 135 -13.47 38.52 -0.50
N LEU E 136 -12.98 38.32 0.73
CA LEU E 136 -11.85 39.04 1.29
C LEU E 136 -10.71 38.07 1.49
N ASN E 137 -9.53 38.43 0.99
CA ASN E 137 -8.38 37.55 0.99
C ASN E 137 -7.25 38.18 1.80
N ASN E 138 -6.64 37.39 2.69
CA ASN E 138 -5.47 37.79 3.48
C ASN E 138 -5.76 39.04 4.31
N PHE E 139 -6.72 38.90 5.23
CA PHE E 139 -7.09 39.97 6.14
C PHE E 139 -6.78 39.57 7.56
N TYR E 140 -6.23 40.52 8.34
CA TYR E 140 -5.84 40.28 9.71
C TYR E 140 -5.69 41.68 10.29
N PRO E 141 -6.37 42.02 11.41
CA PRO E 141 -7.25 41.30 12.34
C PRO E 141 -8.50 40.67 11.72
N ARG E 142 -9.01 39.64 12.41
CA ARG E 142 -10.25 39.00 11.99
C ARG E 142 -11.43 39.96 12.02
N GLU E 143 -11.35 41.01 12.84
CA GLU E 143 -12.44 41.99 12.93
C GLU E 143 -12.49 42.79 11.64
N ALA E 144 -13.44 42.44 10.77
CA ALA E 144 -13.64 43.16 9.52
C ALA E 144 -15.11 43.01 9.13
N LYS E 145 -15.73 44.11 8.75
CA LYS E 145 -17.16 44.14 8.47
C LYS E 145 -17.39 44.29 6.97
N VAL E 146 -18.33 43.51 6.45
CA VAL E 146 -18.71 43.57 5.04
C VAL E 146 -20.16 44.04 4.97
N GLN E 147 -20.42 44.97 4.05
CA GLN E 147 -21.75 45.52 3.91
C GLN E 147 -22.12 45.57 2.44
N TRP E 148 -23.41 45.41 2.17
CA TRP E 148 -23.93 45.27 0.81
C TRP E 148 -24.76 46.49 0.45
N LYS E 149 -24.44 47.12 -0.68
CA LYS E 149 -25.20 48.26 -1.18
C LYS E 149 -25.62 47.97 -2.61
N VAL E 150 -26.92 47.90 -2.83
CA VAL E 150 -27.49 47.69 -4.17
C VAL E 150 -28.13 49.01 -4.58
N ASP E 151 -27.57 49.64 -5.61
CA ASP E 151 -27.98 50.99 -6.02
C ASP E 151 -27.92 51.96 -4.85
N ASN E 152 -26.85 51.85 -4.06
CA ASN E 152 -26.65 52.67 -2.86
C ASN E 152 -27.80 52.52 -1.88
N ALA E 153 -28.27 51.28 -1.71
CA ALA E 153 -29.31 50.96 -0.74
C ALA E 153 -28.85 49.79 0.14
N LEU E 154 -29.14 49.89 1.42
CA LEU E 154 -28.66 48.90 2.39
C LEU E 154 -29.43 47.60 2.28
N GLN E 155 -28.77 46.51 2.67
CA GLN E 155 -29.40 45.19 2.73
C GLN E 155 -29.09 44.55 4.07
N SER E 156 -30.10 43.93 4.67
CA SER E 156 -29.95 43.24 5.94
C SER E 156 -30.63 41.88 5.85
N GLY E 157 -29.96 40.87 6.40
CA GLY E 157 -30.49 39.52 6.35
C GLY E 157 -30.57 38.95 4.94
N ASN E 158 -29.67 39.37 4.05
CA ASN E 158 -29.64 38.86 2.69
C ASN E 158 -28.29 38.27 2.31
N SER E 159 -27.40 38.03 3.28
CA SER E 159 -26.09 37.48 2.98
C SER E 159 -25.56 36.75 4.21
N GLN E 160 -24.82 35.67 3.95
CA GLN E 160 -24.20 34.86 5.00
C GLN E 160 -22.70 34.88 4.82
N GLU E 161 -21.98 34.93 5.94
CA GLU E 161 -20.52 35.03 5.94
C GLU E 161 -19.89 33.73 6.43
N SER E 162 -18.81 33.34 5.76
CA SER E 162 -18.04 32.16 6.17
C SER E 162 -16.56 32.52 6.13
N VAL E 163 -15.83 32.13 7.17
CA VAL E 163 -14.43 32.49 7.31
C VAL E 163 -13.64 31.25 7.67
N THR E 164 -12.40 31.19 7.18
CA THR E 164 -11.51 30.08 7.47
C THR E 164 -10.82 30.29 8.81
N GLU E 165 -9.99 29.32 9.19
CA GLU E 165 -9.18 29.41 10.40
C GLU E 165 -7.87 30.12 10.06
N GLN E 166 -6.93 30.11 11.00
CA GLN E 166 -5.60 30.64 10.72
C GLN E 166 -4.99 29.91 9.53
N ASP E 167 -4.39 30.67 8.62
CA ASP E 167 -3.73 30.06 7.48
C ASP E 167 -2.47 29.31 7.94
N SER E 168 -2.33 28.08 7.48
CA SER E 168 -1.21 27.25 7.92
C SER E 168 0.14 27.72 7.38
N LYS E 169 0.15 28.65 6.43
CA LYS E 169 1.39 29.14 5.84
C LYS E 169 1.84 30.49 6.39
N ASP E 170 0.91 31.44 6.57
CA ASP E 170 1.28 32.76 7.04
C ASP E 170 0.32 33.32 8.09
N SER E 171 -0.55 32.50 8.66
CA SER E 171 -1.47 32.92 9.72
C SER E 171 -2.37 34.08 9.27
N THR E 172 -2.80 34.03 8.01
CA THR E 172 -3.73 34.99 7.46
C THR E 172 -5.17 34.44 7.55
N TYR E 173 -6.11 35.12 6.92
CA TYR E 173 -7.50 34.68 6.94
C TYR E 173 -8.08 34.64 5.53
N SER E 174 -9.39 34.37 5.44
CA SER E 174 -10.14 34.44 4.20
C SER E 174 -11.63 34.40 4.51
N LEU E 175 -12.39 35.36 3.97
CA LEU E 175 -13.81 35.49 4.27
C LEU E 175 -14.61 35.54 2.98
N SER E 176 -15.85 35.08 3.05
CA SER E 176 -16.72 35.09 1.89
C SER E 176 -18.14 35.44 2.30
N SER E 177 -18.82 36.23 1.48
CA SER E 177 -20.22 36.58 1.64
C SER E 177 -20.99 36.11 0.40
N THR E 178 -22.19 35.58 0.63
CA THR E 178 -22.93 34.84 -0.39
C THR E 178 -24.33 35.43 -0.57
N LEU E 179 -24.40 36.74 -0.77
CA LEU E 179 -25.68 37.40 -1.04
C LEU E 179 -26.43 36.69 -2.14
N THR E 180 -27.68 36.33 -1.85
CA THR E 180 -28.56 35.64 -2.79
C THR E 180 -29.86 36.41 -2.92
N LEU E 181 -30.40 36.44 -4.14
CA LEU E 181 -31.63 37.15 -4.43
C LEU E 181 -32.58 36.23 -5.18
N SER E 182 -33.87 36.56 -5.10
CA SER E 182 -34.89 35.77 -5.79
C SER E 182 -34.77 35.94 -7.30
N LYS E 183 -35.62 35.23 -8.03
CA LYS E 183 -35.55 35.26 -9.49
C LYS E 183 -35.87 36.65 -10.02
N ALA E 184 -36.86 37.33 -9.44
CA ALA E 184 -37.25 38.64 -9.93
C ALA E 184 -36.47 39.77 -9.29
N ASP E 185 -35.98 39.58 -8.08
CA ASP E 185 -35.35 40.69 -7.35
C ASP E 185 -34.05 41.14 -8.00
N TYR E 186 -33.32 40.22 -8.63
CA TYR E 186 -32.04 40.58 -9.24
C TYR E 186 -32.23 41.55 -10.39
N GLU E 187 -33.28 41.36 -11.19
CA GLU E 187 -33.55 42.26 -12.31
C GLU E 187 -34.25 43.54 -11.90
N LYS E 188 -34.54 43.72 -10.60
CA LYS E 188 -35.18 44.94 -10.13
C LYS E 188 -34.19 46.05 -9.84
N HIS E 189 -32.89 45.81 -9.97
CA HIS E 189 -31.88 46.81 -9.66
C HIS E 189 -30.76 46.78 -10.70
N LYS E 190 -29.87 47.76 -10.61
CA LYS E 190 -28.88 48.00 -11.65
C LYS E 190 -27.45 47.77 -11.19
N VAL E 191 -27.02 48.39 -10.09
CA VAL E 191 -25.63 48.41 -9.68
C VAL E 191 -25.51 47.78 -8.30
N TYR E 192 -24.58 46.84 -8.16
CA TYR E 192 -24.33 46.16 -6.90
C TYR E 192 -22.94 46.52 -6.38
N ALA E 193 -22.76 46.43 -5.07
CA ALA E 193 -21.45 46.72 -4.49
C ALA E 193 -21.34 46.08 -3.11
N CYS E 194 -20.13 45.60 -2.80
CA CYS E 194 -19.76 45.14 -1.47
C CYS E 194 -18.65 46.03 -0.94
N GLU E 195 -18.79 46.52 0.28
CA GLU E 195 -17.78 47.39 0.87
C GLU E 195 -17.24 46.75 2.14
N VAL E 196 -15.97 47.01 2.42
CA VAL E 196 -15.24 46.38 3.51
C VAL E 196 -14.71 47.46 4.43
N THR E 197 -14.97 47.31 5.73
CA THR E 197 -14.38 48.17 6.76
C THR E 197 -13.46 47.30 7.62
N HIS E 198 -12.18 47.64 7.65
CA HIS E 198 -11.19 46.85 8.35
C HIS E 198 -10.23 47.77 9.10
N GLN E 199 -9.64 47.22 10.17
CA GLN E 199 -8.71 48.01 10.97
C GLN E 199 -7.45 48.35 10.18
N GLY E 200 -6.97 47.42 9.36
CA GLY E 200 -5.75 47.62 8.59
C GLY E 200 -5.90 48.47 7.35
N LEU E 201 -7.10 48.91 7.02
CA LEU E 201 -7.35 49.78 5.88
C LEU E 201 -7.53 51.21 6.35
N SER E 202 -6.82 52.14 5.71
CA SER E 202 -6.97 53.55 6.06
C SER E 202 -8.38 54.05 5.81
N SER E 203 -8.97 53.66 4.68
CA SER E 203 -10.33 54.02 4.33
C SER E 203 -11.06 52.80 3.79
N PRO E 204 -12.37 52.72 3.99
CA PRO E 204 -13.13 51.60 3.43
C PRO E 204 -13.04 51.56 1.91
N VAL E 205 -13.01 50.35 1.37
CA VAL E 205 -12.93 50.13 -0.08
C VAL E 205 -14.21 49.46 -0.53
N THR E 206 -14.88 50.06 -1.51
CA THR E 206 -16.13 49.54 -2.05
C THR E 206 -15.86 49.01 -3.45
N LYS E 207 -16.11 47.72 -3.66
CA LYS E 207 -15.99 47.09 -4.97
C LYS E 207 -17.39 46.91 -5.54
N SER E 208 -17.62 47.47 -6.71
CA SER E 208 -18.94 47.50 -7.32
C SER E 208 -18.88 46.91 -8.72
N PHE E 209 -20.07 46.60 -9.24
CA PHE E 209 -20.20 46.13 -10.61
C PHE E 209 -21.63 46.38 -11.09
N ASN E 210 -21.76 46.52 -12.41
CA ASN E 210 -23.04 46.71 -13.07
C ASN E 210 -23.40 45.49 -13.90
N ARG E 211 -24.50 45.60 -14.64
CA ARG E 211 -25.01 44.48 -15.43
C ARG E 211 -24.10 44.10 -16.59
N GLY E 212 -23.12 44.93 -16.93
CA GLY E 212 -22.25 44.67 -18.06
C GLY E 212 -21.40 43.43 -17.93
#